data_7YV7
#
_entry.id   7YV7
#
_cell.length_a   1.00
_cell.length_b   1.00
_cell.length_c   1.00
_cell.angle_alpha   90.00
_cell.angle_beta   90.00
_cell.angle_gamma   90.00
#
_symmetry.space_group_name_H-M   'P 1'
#
loop_
_entity.id
_entity.type
_entity.pdbx_description
1 polymer 'Capsid protein VP1'
2 polymer 'Capsid protein VP2'
3 polymer 'Capsid protein VP3'
4 polymer 'The light chain of antibody 9B5'
5 polymer 'The heavy chain of antibody 9B5'
#
loop_
_entity_poly.entity_id
_entity_poly.type
_entity_poly.pdbx_seq_one_letter_code
_entity_poly.pdbx_strand_id
1 'polypeptide(L)'
;GDPIADMIDQTVNNQVNRSLTALQVLPTAANTEASSHRLGTGVVPALQAAETGASSNASDKNLIETRCVLNHHSTQETAI
GNFFSRAGLVSIITMPTMGTQNTDGYANWDIDLMGYAQLRRKCELFTYMRFDAEFTFVVAKPNGELVPQLLQYMYVPPGA
PKPTSRDSFAWQTATNPSVFVKMTDPPAQVSVPFMSPASAYQWFYDGYPTFGEHLQANDLDYGQCPNNMMGTFSIRTVGT
KKSPHSITLRVYMRIKHVRAWIPRPLRNQPYLFKTNPNYKGNDIKCTSTSRDKITTL
;
A
2 'polypeptide(L)'
;SPSAEACGYSDRVAQLTIGNSTITTQEAANIVIAYGEWPEYCPDTDATAVDKPTRPDVSVNRFFTLDTKSWAKDSKGWYW
KFPDVLTEVGVFGQNAQFHYLYRSGFCVHVQCNASKFHQGALLVAVLPEYVLGTIAGGTGNENSHPPYATTQPGQVGAVL
THPYVLDAGIPLSQLTVCPHQWINLRTNNCATIIVPYMNTVPFDSALNHCNFGLLVIPVVPLDFNAGATSEIPITVTIAP
MCAEFAGLRQAVKQ
;
B
3 'polypeptide(L)'
;GIPTELKPGTNQFLTTDDGVSAPILPGFHPTPPIHIPGEVRNLLEICRVETILEVNNLKTNETTPMQRLCFPVSVQSKTG
ELCAAFRADPGRDGPWQSTILGQLCRYYTQWSGSLEVTFMFAGSFMATGKMLIAYTPPGGSVPADRITAMLGTHVIWDFG
LQSSVTLVVPWISNTHYRAHARAGYFDYYTTGIITIWYQTNYVVPIGAPTTAYIVALAAAQDNFTMKLCKDTEDIEQTAN
IQ
;
C
4 'polypeptide(L)'
;DIQMTQSPASLSVSVGETVTITCRASENIYSNLAWYQQKQGKSPQLLVYAATNLADGVPSRFSGSGSGTQYSLKINSLQS
EDFGTYYCQQFWDTPFTFGSGTKLAIKRADAAPTVSIFPPSSEQLTSGGASVVCFLNNFYPKDINVKWKIDGSERQNGVL
NSWTDQDSKDSTYSMSSTLTLTKDEYERHNSYTCEATHKTSTSPIVKSFNRNEC
;
E
5 'polypeptide(L)'
;EVQLQQSGPELVKPGASVKMSCKTSGYTFTENTMHWVRQSHGKSLEWIGGIYPKNDDTKYNQKFKGKATLTVDKSSSTAC
MELRSLTSEDSAVYYCARGDYENYFYAMDYWGQGTSVTVSSAKTTPPSVYPLAPGCGDTTGSSVTLGCLVKGYFPESVTV
TWNSGSLSSSVHTFPALLQSGLYTMSSSVTVPSSTWPSQTVTCSVAHPASSTTVDKKL
;
F
#
# COMPACT_ATOMS: atom_id res chain seq x y z
N HIS A 73 9.99 -48.19 -5.31
CA HIS A 73 8.85 -47.29 -5.18
C HIS A 73 8.25 -46.98 -6.55
N SER A 74 6.95 -46.71 -6.58
CA SER A 74 6.25 -46.43 -7.82
C SER A 74 6.56 -45.01 -8.29
N THR A 75 5.99 -44.64 -9.45
CA THR A 75 6.20 -43.33 -10.05
C THR A 75 5.07 -42.35 -9.72
N GLN A 76 4.11 -42.77 -8.92
CA GLN A 76 2.95 -41.94 -8.62
C GLN A 76 3.26 -40.77 -7.68
N GLU A 77 4.22 -40.93 -6.77
CA GLU A 77 4.52 -39.85 -5.84
C GLU A 77 5.33 -38.74 -6.48
N THR A 78 6.24 -39.07 -7.39
CA THR A 78 7.09 -38.10 -8.06
C THR A 78 6.42 -37.46 -9.27
N ALA A 79 5.18 -37.83 -9.57
CA ALA A 79 4.47 -37.31 -10.73
C ALA A 79 4.20 -35.82 -10.57
N ILE A 80 3.96 -35.16 -11.71
CA ILE A 80 3.75 -33.71 -11.71
C ILE A 80 2.48 -33.36 -10.94
N GLY A 81 1.45 -34.21 -11.02
CA GLY A 81 0.20 -33.94 -10.34
C GLY A 81 0.29 -33.92 -8.83
N ASN A 82 1.00 -34.88 -8.24
CA ASN A 82 1.12 -34.97 -6.80
C ASN A 82 2.11 -33.98 -6.21
N PHE A 83 2.95 -33.34 -7.03
CA PHE A 83 3.92 -32.37 -6.54
C PHE A 83 3.28 -31.03 -6.21
N PHE A 84 2.27 -30.61 -6.97
CA PHE A 84 1.48 -29.42 -6.67
C PHE A 84 0.18 -29.72 -5.94
N SER A 85 -0.08 -30.98 -5.57
CA SER A 85 -1.38 -31.36 -5.06
C SER A 85 -1.65 -30.85 -3.64
N ARG A 86 -0.63 -30.84 -2.78
CA ARG A 86 -0.84 -30.51 -1.38
C ARG A 86 -1.24 -29.04 -1.22
N ALA A 87 -2.17 -28.80 -0.30
CA ALA A 87 -2.71 -27.47 -0.08
C ALA A 87 -1.72 -26.58 0.67
N GLY A 88 -1.91 -25.28 0.55
CA GLY A 88 -1.07 -24.31 1.24
C GLY A 88 -1.85 -23.05 1.55
N LEU A 89 -1.26 -22.23 2.42
CA LEU A 89 -1.88 -20.97 2.81
C LEU A 89 -1.34 -19.83 1.96
N VAL A 90 -2.21 -19.29 1.10
CA VAL A 90 -1.78 -18.29 0.13
C VAL A 90 -2.11 -16.86 0.58
N SER A 91 -2.79 -16.70 1.70
CA SER A 91 -3.17 -15.36 2.11
C SER A 91 -3.45 -15.32 3.60
N ILE A 92 -3.34 -14.11 4.17
CA ILE A 92 -3.74 -13.81 5.54
C ILE A 92 -4.47 -12.47 5.51
N ILE A 93 -5.72 -12.46 5.94
CA ILE A 93 -6.55 -11.26 5.95
C ILE A 93 -7.04 -11.02 7.38
N THR A 94 -6.89 -9.80 7.86
CA THR A 94 -7.29 -9.41 9.21
C THR A 94 -8.11 -8.13 9.14
N MET A 95 -9.27 -8.14 9.79
CA MET A 95 -10.16 -6.97 9.84
C MET A 95 -10.22 -6.44 11.26
N PRO A 96 -9.65 -5.27 11.53
CA PRO A 96 -9.73 -4.71 12.89
C PRO A 96 -11.14 -4.30 13.28
N THR A 97 -11.26 -3.69 14.46
CA THR A 97 -12.56 -3.24 14.95
C THR A 97 -13.11 -2.10 14.09
N ASP A 104 -12.22 -1.05 9.27
CA ASP A 104 -12.33 -1.22 7.82
C ASP A 104 -13.71 -1.73 7.44
N GLY A 105 -13.93 -3.04 7.63
CA GLY A 105 -15.20 -3.66 7.30
C GLY A 105 -15.18 -4.43 6.00
N TYR A 106 -14.21 -4.12 5.13
CA TYR A 106 -14.06 -4.82 3.88
C TYR A 106 -12.59 -4.84 3.49
N ALA A 107 -12.16 -5.96 2.92
CA ALA A 107 -10.77 -6.15 2.48
C ALA A 107 -10.78 -6.79 1.10
N ASN A 108 -10.12 -6.14 0.15
CA ASN A 108 -9.96 -6.67 -1.19
C ASN A 108 -8.56 -7.25 -1.36
N TRP A 109 -8.52 -8.53 -1.75
CA TRP A 109 -7.26 -9.25 -1.87
C TRP A 109 -7.11 -9.77 -3.29
N ASP A 110 -6.01 -9.41 -3.94
CA ASP A 110 -5.75 -9.85 -5.30
C ASP A 110 -5.23 -11.28 -5.31
N ILE A 111 -5.59 -12.03 -6.35
CA ILE A 111 -5.18 -13.43 -6.46
C ILE A 111 -3.76 -13.49 -6.98
N ASP A 112 -2.86 -14.09 -6.20
CA ASP A 112 -1.49 -14.29 -6.63
C ASP A 112 -0.93 -15.57 -6.03
N LEU A 113 -0.17 -16.32 -6.83
CA LEU A 113 0.52 -17.50 -6.32
C LEU A 113 1.93 -17.18 -5.84
N MET A 114 2.41 -15.95 -6.10
CA MET A 114 3.76 -15.52 -5.74
C MET A 114 3.84 -14.96 -4.33
N GLY A 115 2.74 -15.00 -3.58
CA GLY A 115 2.65 -14.38 -2.27
C GLY A 115 3.72 -14.80 -1.27
N TYR A 116 4.08 -16.07 -1.24
CA TYR A 116 5.01 -16.60 -0.27
C TYR A 116 6.14 -17.36 -0.97
N ALA A 117 7.20 -17.62 -0.21
CA ALA A 117 8.37 -18.29 -0.75
C ALA A 117 8.04 -19.70 -1.23
N GLN A 118 7.33 -20.46 -0.40
CA GLN A 118 6.89 -21.79 -0.82
C GLN A 118 5.84 -21.69 -1.92
N LEU A 119 5.79 -22.72 -2.76
CA LEU A 119 4.93 -22.81 -3.95
C LEU A 119 5.37 -21.85 -5.04
N ARG A 120 6.26 -20.90 -4.73
CA ARG A 120 6.83 -19.98 -5.70
C ARG A 120 8.02 -20.58 -6.44
N ARG A 121 9.08 -20.94 -5.73
CA ARG A 121 10.23 -21.59 -6.35
C ARG A 121 9.82 -22.82 -7.16
N LYS A 122 8.78 -23.53 -6.73
CA LYS A 122 8.33 -24.73 -7.43
C LYS A 122 7.80 -24.43 -8.83
N CYS A 123 7.04 -23.35 -8.99
CA CYS A 123 6.45 -23.03 -10.28
C CYS A 123 7.41 -22.37 -11.26
N GLU A 124 8.51 -21.79 -10.76
CA GLU A 124 9.52 -21.24 -11.66
C GLU A 124 10.38 -22.32 -12.30
N LEU A 125 10.24 -23.58 -11.86
CA LEU A 125 10.88 -24.69 -12.54
C LEU A 125 10.34 -24.85 -13.96
N PHE A 126 9.13 -24.38 -14.21
CA PHE A 126 8.44 -24.54 -15.48
C PHE A 126 8.06 -23.18 -16.03
N THR A 127 7.89 -23.12 -17.36
CA THR A 127 7.44 -21.88 -17.99
C THR A 127 5.93 -21.85 -18.17
N TYR A 128 5.41 -22.70 -19.05
CA TYR A 128 3.99 -22.78 -19.31
C TYR A 128 3.32 -23.74 -18.34
N MET A 129 2.22 -23.30 -17.75
CA MET A 129 1.50 -24.09 -16.77
C MET A 129 0.00 -23.86 -16.97
N ARG A 130 -0.78 -24.94 -16.97
CA ARG A 130 -2.23 -24.87 -17.11
C ARG A 130 -2.84 -25.61 -15.93
N PHE A 131 -3.57 -24.90 -15.08
CA PHE A 131 -4.08 -25.50 -13.86
C PHE A 131 -5.40 -24.86 -13.48
N ASP A 132 -6.30 -25.69 -12.96
CA ASP A 132 -7.51 -25.21 -12.31
C ASP A 132 -7.19 -24.81 -10.87
N ALA A 133 -7.99 -23.89 -10.33
CA ALA A 133 -7.77 -23.37 -8.99
C ALA A 133 -8.92 -23.75 -8.08
N GLU A 134 -8.56 -24.29 -6.91
CA GLU A 134 -9.53 -24.60 -5.86
C GLU A 134 -9.21 -23.74 -4.66
N PHE A 135 -10.22 -23.07 -4.11
CA PHE A 135 -10.05 -22.14 -3.01
C PHE A 135 -10.83 -22.62 -1.79
N THR A 136 -10.33 -22.23 -0.62
CA THR A 136 -10.97 -22.56 0.64
C THR A 136 -11.04 -21.31 1.51
N PHE A 137 -12.23 -21.06 2.06
CA PHE A 137 -12.50 -19.87 2.87
C PHE A 137 -12.69 -20.32 4.32
N VAL A 138 -11.74 -19.97 5.17
CA VAL A 138 -11.78 -20.30 6.59
C VAL A 138 -11.82 -19.00 7.38
N VAL A 139 -12.86 -18.82 8.20
CA VAL A 139 -13.07 -17.59 8.95
C VAL A 139 -12.99 -17.91 10.43
N ALA A 140 -12.41 -16.98 11.20
CA ALA A 140 -12.29 -17.13 12.65
C ALA A 140 -11.99 -15.76 13.24
N LYS A 141 -11.86 -15.73 14.56
CA LYS A 141 -11.51 -14.51 15.27
C LYS A 141 -10.03 -14.53 15.61
N PRO A 142 -9.50 -13.44 16.18
CA PRO A 142 -8.10 -13.49 16.63
C PRO A 142 -7.86 -14.49 17.75
N ASN A 143 -8.81 -14.65 18.66
CA ASN A 143 -8.67 -15.58 19.78
C ASN A 143 -9.13 -16.99 19.43
N GLY A 144 -9.79 -17.17 18.28
CA GLY A 144 -10.18 -18.48 17.80
C GLY A 144 -11.63 -18.86 18.01
N GLU A 145 -12.34 -18.18 18.91
CA GLU A 145 -13.74 -18.50 19.17
C GLU A 145 -14.58 -18.10 17.97
N LEU A 146 -15.67 -18.84 17.74
CA LEU A 146 -16.56 -18.59 16.62
C LEU A 146 -17.81 -17.86 17.12
N VAL A 147 -18.32 -16.95 16.29
CA VAL A 147 -19.50 -16.16 16.62
C VAL A 147 -20.51 -16.35 15.50
N PRO A 148 -21.82 -16.46 15.78
CA PRO A 148 -22.78 -16.59 14.69
C PRO A 148 -22.96 -15.31 13.90
N GLN A 149 -22.00 -15.00 13.03
CA GLN A 149 -22.04 -13.82 12.18
C GLN A 149 -21.95 -14.24 10.73
N LEU A 150 -22.81 -13.64 9.91
CA LEU A 150 -22.89 -13.96 8.48
C LEU A 150 -21.92 -13.09 7.70
N LEU A 151 -21.15 -13.70 6.82
CA LEU A 151 -20.18 -13.00 5.99
C LEU A 151 -20.46 -13.29 4.52
N GLN A 152 -19.91 -12.44 3.65
CA GLN A 152 -20.09 -12.56 2.22
C GLN A 152 -18.75 -12.75 1.53
N TYR A 153 -18.68 -13.74 0.65
CA TYR A 153 -17.47 -14.06 -0.12
C TYR A 153 -17.81 -13.91 -1.59
N MET A 154 -17.21 -12.93 -2.25
CA MET A 154 -17.52 -12.60 -3.64
C MET A 154 -16.27 -12.74 -4.49
N TYR A 155 -16.43 -13.27 -5.70
CA TYR A 155 -15.35 -13.33 -6.68
C TYR A 155 -15.55 -12.27 -7.74
N VAL A 156 -14.47 -11.57 -8.07
CA VAL A 156 -14.49 -10.49 -9.05
C VAL A 156 -13.72 -10.96 -10.27
N PRO A 157 -14.37 -11.19 -11.40
CA PRO A 157 -13.65 -11.60 -12.61
C PRO A 157 -12.70 -10.51 -13.08
N PRO A 158 -11.68 -10.86 -13.88
CA PRO A 158 -10.75 -9.84 -14.38
C PRO A 158 -11.44 -8.76 -15.19
N GLY A 159 -11.13 -7.50 -14.90
CA GLY A 159 -11.71 -6.36 -15.60
C GLY A 159 -12.89 -5.73 -14.91
N ALA A 160 -13.55 -6.45 -14.00
CA ALA A 160 -14.68 -5.88 -13.29
C ALA A 160 -14.22 -4.87 -12.25
N PRO A 161 -15.01 -3.84 -11.98
CA PRO A 161 -14.60 -2.82 -11.01
C PRO A 161 -14.62 -3.36 -9.58
N LYS A 162 -13.67 -2.90 -8.78
CA LYS A 162 -13.59 -3.31 -7.39
C LYS A 162 -14.48 -2.44 -6.51
N PRO A 163 -15.08 -3.03 -5.47
CA PRO A 163 -15.93 -2.23 -4.57
C PRO A 163 -15.12 -1.26 -3.74
N THR A 164 -15.61 -0.04 -3.67
CA THR A 164 -14.97 1.03 -2.91
C THR A 164 -15.44 1.11 -1.46
N SER A 165 -16.52 0.41 -1.11
CA SER A 165 -17.05 0.44 0.24
C SER A 165 -18.01 -0.73 0.40
N ARG A 166 -18.65 -0.82 1.57
CA ARG A 166 -19.62 -1.87 1.85
C ARG A 166 -20.98 -1.61 1.22
N ASP A 167 -21.38 -0.35 1.08
CA ASP A 167 -22.70 0.01 0.57
C ASP A 167 -22.67 0.27 -0.94
N SER A 168 -21.53 0.03 -1.57
CA SER A 168 -21.37 0.39 -2.98
C SER A 168 -22.18 -0.54 -3.86
N PHE A 169 -22.13 -0.27 -5.18
CA PHE A 169 -22.94 -1.00 -6.15
C PHE A 169 -22.33 -2.33 -6.55
N ALA A 170 -21.02 -2.50 -6.37
CA ALA A 170 -20.35 -3.72 -6.82
C ALA A 170 -20.85 -4.97 -6.09
N TRP A 171 -21.39 -4.81 -4.88
CA TRP A 171 -21.86 -5.97 -4.12
C TRP A 171 -23.23 -6.46 -4.58
N GLN A 172 -24.03 -5.61 -5.21
CA GLN A 172 -25.33 -6.01 -5.75
C GLN A 172 -25.24 -6.41 -7.21
N THR A 173 -24.04 -6.43 -7.79
CA THR A 173 -23.87 -6.77 -9.20
C THR A 173 -24.21 -8.24 -9.42
N ALA A 174 -24.97 -8.52 -10.48
CA ALA A 174 -25.45 -9.88 -10.71
C ALA A 174 -24.37 -10.78 -11.31
N THR A 175 -23.43 -10.22 -12.06
CA THR A 175 -22.41 -11.04 -12.72
C THR A 175 -21.25 -11.39 -11.79
N ASN A 176 -21.26 -10.91 -10.55
CA ASN A 176 -20.23 -11.27 -9.59
C ASN A 176 -20.77 -12.35 -8.66
N PRO A 177 -20.32 -13.59 -8.77
CA PRO A 177 -20.86 -14.65 -7.90
C PRO A 177 -20.52 -14.41 -6.44
N SER A 178 -21.41 -14.88 -5.56
CA SER A 178 -21.26 -14.70 -4.12
C SER A 178 -21.50 -16.02 -3.41
N VAL A 179 -20.86 -16.18 -2.26
CA VAL A 179 -21.01 -17.35 -1.41
C VAL A 179 -21.36 -16.87 -0.01
N PHE A 180 -22.57 -17.18 0.44
CA PHE A 180 -23.04 -16.77 1.76
C PHE A 180 -22.79 -17.90 2.74
N VAL A 181 -21.87 -17.66 3.69
CA VAL A 181 -21.52 -18.65 4.70
C VAL A 181 -21.42 -17.96 6.05
N LYS A 182 -21.63 -18.74 7.12
CA LYS A 182 -21.46 -18.26 8.47
C LYS A 182 -20.16 -18.79 9.07
N MET A 183 -19.91 -18.40 10.31
CA MET A 183 -18.71 -18.89 10.99
C MET A 183 -18.91 -20.31 11.49
N THR A 184 -20.11 -20.64 11.96
CA THR A 184 -20.45 -22.01 12.31
C THR A 184 -20.52 -22.91 11.08
N ASP A 185 -20.87 -22.34 9.93
CA ASP A 185 -20.82 -23.07 8.67
C ASP A 185 -19.39 -23.51 8.39
N PRO A 186 -19.16 -24.82 8.19
CA PRO A 186 -17.82 -25.28 7.88
C PRO A 186 -17.30 -24.62 6.61
N PRO A 187 -15.97 -24.56 6.45
CA PRO A 187 -15.40 -23.78 5.36
C PRO A 187 -15.91 -24.19 3.99
N ALA A 188 -16.32 -23.19 3.21
CA ALA A 188 -16.80 -23.42 1.86
C ALA A 188 -15.64 -23.61 0.91
N GLN A 189 -15.90 -24.33 -0.19
CA GLN A 189 -14.89 -24.62 -1.20
C GLN A 189 -15.43 -24.20 -2.56
N VAL A 190 -14.68 -23.33 -3.24
CA VAL A 190 -15.04 -22.87 -4.58
C VAL A 190 -13.91 -23.23 -5.54
N SER A 191 -14.27 -23.31 -6.82
CA SER A 191 -13.33 -23.69 -7.87
C SER A 191 -13.35 -22.64 -8.97
N VAL A 192 -12.18 -22.21 -9.40
CA VAL A 192 -12.01 -21.22 -10.45
C VAL A 192 -11.44 -21.91 -11.68
N PRO A 193 -12.13 -21.89 -12.83
CA PRO A 193 -11.56 -22.50 -14.03
C PRO A 193 -10.39 -21.71 -14.59
N PHE A 194 -9.94 -22.10 -15.78
CA PHE A 194 -8.80 -21.44 -16.41
C PHE A 194 -9.24 -20.09 -16.96
N MET A 195 -8.66 -19.01 -16.44
CA MET A 195 -9.09 -17.65 -16.75
C MET A 195 -8.26 -16.97 -17.83
N SER A 196 -7.22 -17.60 -18.33
CA SER A 196 -6.39 -16.81 -19.24
C SER A 196 -6.90 -16.90 -20.67
N PRO A 197 -6.79 -15.82 -21.44
CA PRO A 197 -7.16 -15.90 -22.87
C PRO A 197 -6.21 -16.76 -23.69
N ALA A 198 -4.97 -16.94 -23.25
CA ALA A 198 -4.02 -17.77 -23.97
C ALA A 198 -4.25 -19.25 -23.62
N SER A 199 -3.37 -20.10 -24.14
CA SER A 199 -3.47 -21.53 -23.89
C SER A 199 -2.87 -21.94 -22.54
N ALA A 200 -1.98 -21.14 -21.97
CA ALA A 200 -1.36 -21.47 -20.69
C ALA A 200 -0.84 -20.19 -20.06
N TYR A 201 -0.59 -20.26 -18.75
CA TYR A 201 -0.03 -19.13 -18.04
C TYR A 201 1.45 -18.97 -18.37
N GLN A 202 1.93 -17.74 -18.25
CA GLN A 202 3.35 -17.42 -18.44
C GLN A 202 3.85 -16.81 -17.13
N TRP A 203 4.75 -17.52 -16.45
CA TRP A 203 5.27 -17.01 -15.18
C TRP A 203 6.34 -15.97 -15.40
N PHE A 204 7.23 -16.20 -16.37
CA PHE A 204 8.31 -15.27 -16.66
C PHE A 204 7.87 -14.22 -17.67
N ASN A 228 -1.00 -13.14 -15.63
CA ASN A 228 -1.20 -14.18 -14.62
C ASN A 228 -2.26 -13.80 -13.60
N MET A 229 -2.97 -12.69 -13.86
CA MET A 229 -3.99 -12.20 -12.95
C MET A 229 -5.27 -12.98 -13.16
N MET A 230 -5.73 -13.66 -12.10
CA MET A 230 -6.97 -14.43 -12.12
C MET A 230 -8.14 -13.63 -11.57
N GLY A 231 -7.91 -12.36 -11.26
CA GLY A 231 -8.92 -11.53 -10.64
C GLY A 231 -8.66 -11.29 -9.17
N THR A 232 -9.66 -10.72 -8.51
CA THR A 232 -9.53 -10.36 -7.10
C THR A 232 -10.79 -10.80 -6.36
N PHE A 233 -10.70 -10.79 -5.04
CA PHE A 233 -11.81 -11.11 -4.17
C PHE A 233 -12.40 -9.84 -3.56
N SER A 234 -13.49 -10.03 -2.82
CA SER A 234 -14.03 -9.00 -1.95
C SER A 234 -14.75 -9.70 -0.81
N ILE A 235 -14.62 -9.18 0.41
CA ILE A 235 -15.19 -9.78 1.60
C ILE A 235 -15.70 -8.67 2.51
N ARG A 236 -16.93 -8.82 2.99
CA ARG A 236 -17.50 -7.86 3.94
C ARG A 236 -18.51 -8.57 4.83
N THR A 237 -18.84 -7.93 5.94
CA THR A 237 -19.88 -8.41 6.83
C THR A 237 -21.22 -7.83 6.38
N VAL A 238 -22.22 -8.70 6.26
CA VAL A 238 -23.54 -8.26 5.79
C VAL A 238 -24.16 -7.29 6.78
N GLY A 239 -25.00 -6.41 6.26
CA GLY A 239 -25.67 -5.39 7.06
C GLY A 239 -25.08 -4.00 6.82
N THR A 240 -25.91 -3.00 7.11
CA THR A 240 -25.54 -1.61 6.94
C THR A 240 -24.82 -1.04 8.16
N LYS A 241 -24.61 -1.86 9.20
CA LYS A 241 -23.94 -1.43 10.41
C LYS A 241 -22.70 -2.28 10.63
N LYS A 242 -21.76 -1.74 11.40
CA LYS A 242 -20.51 -2.44 11.71
C LYS A 242 -20.81 -3.66 12.58
N SER A 243 -19.93 -4.65 12.53
CA SER A 243 -20.09 -5.82 13.37
C SER A 243 -19.07 -5.79 14.50
N PRO A 244 -19.52 -5.81 15.76
CA PRO A 244 -18.61 -5.72 16.91
C PRO A 244 -17.84 -7.03 17.16
N HIS A 245 -17.21 -7.55 16.11
CA HIS A 245 -16.39 -8.76 16.23
C HIS A 245 -15.21 -8.62 15.28
N SER A 246 -14.02 -8.98 15.77
CA SER A 246 -12.83 -8.94 14.92
C SER A 246 -12.76 -10.20 14.08
N ILE A 247 -12.59 -10.04 12.76
CA ILE A 247 -12.58 -11.15 11.83
C ILE A 247 -11.20 -11.30 11.23
N THR A 248 -10.61 -12.48 11.43
CA THR A 248 -9.31 -12.81 10.85
C THR A 248 -9.48 -14.12 10.10
N LEU A 249 -9.35 -14.09 8.78
CA LEU A 249 -9.59 -15.24 7.93
C LEU A 249 -8.32 -15.62 7.19
N ARG A 250 -8.25 -16.90 6.81
CA ARG A 250 -7.11 -17.45 6.08
C ARG A 250 -7.64 -18.24 4.89
N VAL A 251 -7.00 -18.07 3.73
CA VAL A 251 -7.47 -18.69 2.50
C VAL A 251 -6.51 -19.79 2.10
N TYR A 252 -7.04 -21.00 1.90
CA TYR A 252 -6.26 -22.14 1.43
C TYR A 252 -6.52 -22.35 -0.06
N MET A 253 -5.48 -22.76 -0.76
CA MET A 253 -5.55 -22.90 -2.22
C MET A 253 -4.91 -24.20 -2.64
N ARG A 254 -5.67 -25.03 -3.36
CA ARG A 254 -5.12 -26.23 -3.98
C ARG A 254 -4.95 -26.00 -5.48
N ILE A 255 -4.43 -27.02 -6.17
CA ILE A 255 -4.20 -26.96 -7.60
C ILE A 255 -4.68 -28.27 -8.20
N LYS A 256 -5.62 -28.20 -9.14
CA LYS A 256 -6.21 -29.38 -9.77
C LYS A 256 -5.87 -29.41 -11.25
N HIS A 257 -5.66 -30.62 -11.77
CA HIS A 257 -5.37 -30.85 -13.19
C HIS A 257 -4.13 -30.07 -13.62
N VAL A 258 -3.00 -30.54 -13.12
CA VAL A 258 -1.71 -29.87 -13.36
C VAL A 258 -1.20 -30.24 -14.74
N ARG A 259 -0.78 -29.23 -15.50
CA ARG A 259 -0.12 -29.43 -16.78
C ARG A 259 1.14 -28.57 -16.83
N ALA A 260 2.22 -29.16 -17.36
CA ALA A 260 3.52 -28.53 -17.30
C ALA A 260 4.19 -28.58 -18.66
N TRP A 261 5.02 -27.56 -18.93
CA TRP A 261 5.80 -27.49 -20.16
C TRP A 261 7.07 -26.69 -19.89
N ILE A 262 8.05 -26.90 -20.76
CA ILE A 262 9.30 -26.11 -20.79
C ILE A 262 9.96 -26.10 -19.41
N PRO A 263 10.60 -27.19 -18.99
CA PRO A 263 11.31 -27.18 -17.71
C PRO A 263 12.47 -26.20 -17.75
N ARG A 264 12.57 -25.40 -16.69
CA ARG A 264 13.59 -24.36 -16.57
C ARG A 264 14.50 -24.61 -15.38
N PRO A 265 15.73 -24.09 -15.42
CA PRO A 265 16.62 -24.24 -14.26
C PRO A 265 16.13 -23.41 -13.08
N LEU A 266 16.30 -23.97 -11.89
CA LEU A 266 15.85 -23.31 -10.67
C LEU A 266 16.69 -22.08 -10.37
N ARG A 267 16.15 -21.19 -9.55
CA ARG A 267 16.83 -19.96 -9.17
C ARG A 267 17.55 -20.15 -7.84
N ASN A 268 18.88 -20.12 -7.86
CA ASN A 268 19.65 -20.30 -6.64
C ASN A 268 19.68 -19.05 -5.77
N GLN A 269 19.68 -17.87 -6.37
CA GLN A 269 19.75 -16.63 -5.62
C GLN A 269 18.42 -16.32 -4.94
N PRO A 270 18.44 -15.67 -3.78
CA PRO A 270 17.19 -15.30 -3.12
C PRO A 270 16.45 -14.21 -3.90
N TYR A 271 15.14 -14.17 -3.70
CA TYR A 271 14.30 -13.24 -4.43
C TYR A 271 14.41 -11.83 -3.83
N LEU A 272 14.38 -10.83 -4.71
CA LEU A 272 14.44 -9.43 -4.31
C LEU A 272 13.09 -8.75 -4.33
N PHE A 273 12.52 -8.50 -5.50
CA PHE A 273 11.20 -7.90 -5.62
C PHE A 273 10.19 -8.98 -6.00
N LYS A 274 8.91 -8.59 -6.06
CA LYS A 274 7.83 -9.50 -6.41
C LYS A 274 7.65 -9.69 -7.91
N THR A 275 7.70 -8.61 -8.70
CA THR A 275 7.41 -8.68 -10.12
C THR A 275 8.62 -8.90 -11.01
N ASN A 276 9.83 -8.85 -10.46
CA ASN A 276 11.03 -8.97 -11.28
C ASN A 276 12.01 -9.89 -10.55
N PRO A 277 12.76 -10.92 -11.35
CA PRO A 277 13.81 -11.75 -10.73
C PRO A 277 15.18 -11.07 -10.72
N ASN A 278 15.25 -9.96 -9.98
CA ASN A 278 16.48 -9.19 -9.87
C ASN A 278 17.51 -9.92 -9.01
N ASP A 283 26.17 -8.57 -5.28
CA ASP A 283 26.25 -9.54 -4.20
C ASP A 283 25.74 -10.90 -4.67
N ILE A 284 26.59 -11.61 -5.42
CA ILE A 284 26.23 -12.94 -5.91
C ILE A 284 26.59 -13.97 -4.85
N LYS A 285 25.76 -15.00 -4.72
CA LYS A 285 25.95 -16.02 -3.70
C LYS A 285 26.19 -17.37 -4.36
N CYS A 286 27.15 -18.13 -3.84
CA CYS A 286 27.43 -19.45 -4.37
C CYS A 286 26.28 -20.41 -4.05
N THR A 287 25.92 -21.22 -5.04
CA THR A 287 24.81 -22.16 -4.90
C THR A 287 25.15 -23.38 -4.05
N SER A 288 26.42 -23.58 -3.72
CA SER A 288 26.84 -24.73 -2.93
C SER A 288 27.80 -24.27 -1.83
N THR A 289 28.00 -25.16 -0.86
CA THR A 289 28.93 -24.90 0.24
C THR A 289 30.37 -25.03 -0.23
N SER A 290 31.30 -24.84 0.69
CA SER A 290 32.72 -24.84 0.39
C SER A 290 33.46 -25.81 1.31
N ARG A 291 34.77 -25.91 1.07
CA ARG A 291 35.67 -26.72 1.88
C ARG A 291 37.09 -26.20 1.70
N ASP A 292 37.96 -26.53 2.65
CA ASP A 292 39.29 -25.95 2.70
C ASP A 292 40.22 -26.46 1.60
N LYS A 293 40.07 -27.72 1.16
CA LYS A 293 40.92 -28.26 0.12
C LYS A 293 40.07 -29.04 -0.88
N ILE A 294 40.72 -29.51 -1.94
CA ILE A 294 40.03 -30.31 -2.95
C ILE A 294 39.94 -31.78 -2.54
N THR A 295 40.97 -32.32 -1.91
CA THR A 295 41.06 -33.75 -1.59
C THR A 295 40.43 -34.10 -0.25
N THR A 296 39.80 -33.15 0.43
CA THR A 296 39.23 -33.38 1.74
C THR A 296 37.77 -33.82 1.64
N LEU A 297 37.38 -34.72 2.53
CA LEU A 297 36.01 -35.21 2.58
C LEU A 297 35.32 -34.80 3.88
N ALA B 29 25.74 -37.20 -37.48
CA ALA B 29 24.46 -37.32 -36.80
C ALA B 29 24.49 -36.61 -35.44
N ASN B 30 25.15 -35.45 -35.42
CA ASN B 30 25.27 -34.63 -34.21
C ASN B 30 24.13 -33.62 -34.12
N ILE B 31 23.19 -33.71 -35.06
CA ILE B 31 22.05 -32.80 -35.09
C ILE B 31 21.25 -32.96 -33.81
N VAL B 32 20.99 -31.85 -33.13
CA VAL B 32 20.27 -31.84 -31.86
C VAL B 32 18.90 -31.24 -32.11
N ILE B 33 17.86 -32.06 -32.00
CA ILE B 33 16.48 -31.61 -32.15
C ILE B 33 15.96 -31.22 -30.77
N ALA B 34 15.36 -30.04 -30.68
CA ALA B 34 14.89 -29.53 -29.39
C ALA B 34 13.61 -30.25 -28.97
N TYR B 35 13.64 -30.86 -27.80
CA TYR B 35 12.47 -31.49 -27.18
C TYR B 35 11.91 -32.64 -28.01
N GLY B 36 12.77 -33.25 -28.84
CA GLY B 36 12.45 -34.51 -29.50
C GLY B 36 11.63 -34.40 -30.77
N GLU B 37 10.96 -33.28 -31.02
CA GLU B 37 10.10 -33.15 -32.19
C GLU B 37 10.47 -31.91 -32.99
N TRP B 38 10.07 -31.92 -34.26
CA TRP B 38 10.35 -30.81 -35.17
C TRP B 38 9.62 -29.55 -34.76
N SER B 59 12.31 -15.67 -51.96
CA SER B 59 13.63 -15.23 -51.53
C SER B 59 13.75 -15.28 -50.02
N VAL B 60 12.75 -15.88 -49.37
CA VAL B 60 12.77 -15.99 -47.91
C VAL B 60 13.68 -17.11 -47.44
N ASN B 61 13.91 -18.14 -48.26
CA ASN B 61 14.71 -19.30 -47.86
C ASN B 61 16.15 -19.07 -48.32
N ARG B 62 17.03 -18.89 -47.34
CA ARG B 62 18.46 -18.70 -47.57
C ARG B 62 19.16 -18.60 -46.22
N PHE B 63 20.49 -18.57 -46.26
CA PHE B 63 21.29 -18.59 -45.04
C PHE B 63 21.66 -17.17 -44.66
N PHE B 64 21.18 -16.71 -43.50
CA PHE B 64 21.55 -15.42 -42.94
C PHE B 64 22.77 -15.58 -42.05
N THR B 65 23.77 -14.73 -42.27
CA THR B 65 25.01 -14.77 -41.51
C THR B 65 25.12 -13.52 -40.64
N LEU B 66 25.23 -13.73 -39.33
CA LEU B 66 25.37 -12.63 -38.40
C LEU B 66 26.84 -12.24 -38.28
N ASP B 67 27.14 -11.33 -37.36
CA ASP B 67 28.51 -10.88 -37.17
C ASP B 67 29.34 -11.96 -36.46
N THR B 68 30.66 -11.88 -36.62
CA THR B 68 31.59 -12.80 -36.01
C THR B 68 32.14 -12.17 -34.75
N LYS B 69 31.84 -12.77 -33.60
CA LYS B 69 32.31 -12.24 -32.33
C LYS B 69 33.75 -12.66 -32.06
N SER B 70 34.53 -11.72 -31.54
CA SER B 70 35.92 -11.97 -31.14
C SER B 70 35.90 -12.50 -29.72
N TRP B 71 36.38 -13.74 -29.53
CA TRP B 71 36.32 -14.40 -28.25
C TRP B 71 37.74 -14.59 -27.70
N ALA B 72 38.05 -13.88 -26.62
CA ALA B 72 39.38 -13.84 -26.05
C ALA B 72 39.39 -14.49 -24.67
N LYS B 73 40.57 -14.42 -24.02
CA LYS B 73 40.75 -15.04 -22.72
C LYS B 73 39.95 -14.35 -21.61
N ASP B 74 39.83 -13.02 -21.67
CA ASP B 74 39.20 -12.25 -20.60
C ASP B 74 37.70 -12.04 -20.84
N SER B 75 37.15 -12.64 -21.89
CA SER B 75 35.76 -12.41 -22.22
C SER B 75 34.83 -13.10 -21.22
N LYS B 76 33.52 -12.92 -21.43
CA LYS B 76 32.53 -13.48 -20.53
C LYS B 76 31.48 -14.27 -21.30
N GLY B 77 30.71 -13.59 -22.15
CA GLY B 77 29.71 -14.26 -22.96
C GLY B 77 28.84 -13.32 -23.78
N TRP B 78 28.11 -13.89 -24.73
CA TRP B 78 27.20 -13.12 -25.58
C TRP B 78 25.87 -13.85 -25.66
N TYR B 79 24.83 -13.10 -26.03
CA TYR B 79 23.50 -13.69 -26.19
C TYR B 79 22.74 -12.91 -27.25
N TRP B 80 21.94 -13.64 -28.02
CA TRP B 80 21.06 -13.06 -29.03
C TRP B 80 19.61 -13.40 -28.70
N LYS B 81 18.72 -12.47 -29.00
CA LYS B 81 17.28 -12.63 -28.72
C LYS B 81 16.54 -12.72 -30.05
N PHE B 82 16.01 -13.91 -30.34
CA PHE B 82 15.20 -14.12 -31.53
C PHE B 82 13.74 -13.79 -31.24
N PRO B 83 12.99 -13.39 -32.26
CA PRO B 83 13.38 -12.99 -33.63
C PRO B 83 14.06 -11.62 -33.70
N ASP B 84 13.92 -10.83 -32.63
CA ASP B 84 14.23 -9.40 -32.65
C ASP B 84 15.58 -9.07 -33.27
N VAL B 85 16.62 -9.84 -32.97
CA VAL B 85 17.93 -9.55 -33.54
C VAL B 85 17.96 -9.83 -35.05
N LEU B 86 17.13 -10.76 -35.52
CA LEU B 86 17.10 -11.13 -36.93
C LEU B 86 16.22 -10.20 -37.77
N THR B 87 15.39 -9.37 -37.13
CA THR B 87 14.44 -8.53 -37.86
C THR B 87 15.11 -7.48 -38.73
N GLU B 88 16.37 -7.14 -38.46
CA GLU B 88 17.08 -6.12 -39.23
C GLU B 88 17.96 -6.75 -40.31
N VAL B 89 17.92 -8.07 -40.45
CA VAL B 89 18.85 -8.82 -41.29
C VAL B 89 18.13 -9.16 -42.59
N GLY B 90 18.70 -8.72 -43.72
CA GLY B 90 18.29 -9.17 -45.04
C GLY B 90 16.84 -8.95 -45.42
N VAL B 91 16.22 -10.00 -45.97
CA VAL B 91 14.83 -9.91 -46.43
C VAL B 91 13.91 -9.57 -45.28
N PHE B 92 14.17 -10.09 -44.09
CA PHE B 92 13.38 -9.75 -42.91
C PHE B 92 13.53 -8.29 -42.50
N GLY B 93 14.47 -7.55 -43.09
CA GLY B 93 14.66 -6.16 -42.72
C GLY B 93 13.41 -5.32 -42.91
N GLN B 94 12.78 -5.44 -44.08
CA GLN B 94 11.53 -4.74 -44.36
C GLN B 94 10.29 -5.59 -44.09
N ASN B 95 10.47 -6.86 -43.72
CA ASN B 95 9.33 -7.75 -43.51
C ASN B 95 8.71 -7.53 -42.13
N ALA B 96 9.54 -7.37 -41.10
CA ALA B 96 9.05 -7.27 -39.73
C ALA B 96 8.19 -6.03 -39.50
N GLN B 97 8.48 -4.94 -40.21
CA GLN B 97 7.72 -3.70 -40.05
C GLN B 97 6.57 -3.62 -41.05
N LEU B 101 1.87 -10.71 -37.68
CA LEU B 101 2.08 -12.02 -37.09
C LEU B 101 3.15 -12.79 -37.84
N TYR B 102 3.87 -13.65 -37.12
CA TYR B 102 4.91 -14.47 -37.72
C TYR B 102 4.90 -15.86 -37.08
N ARG B 103 4.98 -16.88 -37.92
CA ARG B 103 5.07 -18.27 -37.47
C ARG B 103 6.20 -18.93 -38.24
N SER B 104 7.27 -19.31 -37.53
CA SER B 104 8.44 -19.87 -38.18
C SER B 104 9.20 -20.78 -37.22
N GLY B 105 9.83 -21.81 -37.76
CA GLY B 105 10.83 -22.56 -37.04
C GLY B 105 12.22 -22.03 -37.34
N PHE B 106 13.12 -22.22 -36.39
CA PHE B 106 14.46 -21.65 -36.49
C PHE B 106 15.51 -22.76 -36.40
N CYS B 107 16.43 -22.73 -37.36
CA CYS B 107 17.59 -23.63 -37.40
C CYS B 107 18.84 -22.75 -37.33
N VAL B 108 19.58 -22.87 -36.23
CA VAL B 108 20.75 -22.03 -35.98
C VAL B 108 22.00 -22.90 -36.02
N HIS B 109 23.07 -22.34 -36.57
CA HIS B 109 24.37 -22.99 -36.64
C HIS B 109 25.41 -22.13 -35.92
N VAL B 110 26.17 -22.74 -35.03
CA VAL B 110 27.24 -22.06 -34.31
C VAL B 110 28.55 -22.74 -34.67
N GLN B 111 29.42 -22.03 -35.38
CA GLN B 111 30.70 -22.55 -35.83
C GLN B 111 31.83 -21.72 -35.26
N CYS B 112 32.90 -22.39 -34.84
CA CYS B 112 34.09 -21.75 -34.31
C CYS B 112 35.30 -22.25 -35.06
N ASN B 113 36.10 -21.34 -35.58
CA ASN B 113 37.31 -21.67 -36.34
C ASN B 113 38.50 -21.45 -35.41
N ALA B 114 39.16 -22.55 -35.04
CA ALA B 114 40.32 -22.51 -34.16
C ALA B 114 41.28 -23.63 -34.54
N SER B 115 42.57 -23.38 -34.34
CA SER B 115 43.60 -24.35 -34.65
C SER B 115 43.62 -25.43 -33.58
N LYS B 116 44.50 -26.41 -33.74
CA LYS B 116 44.64 -27.50 -32.79
C LYS B 116 45.55 -27.17 -31.62
N PHE B 117 46.16 -25.98 -31.62
CA PHE B 117 47.05 -25.56 -30.56
C PHE B 117 46.33 -24.88 -29.40
N HIS B 118 45.06 -24.53 -29.57
CA HIS B 118 44.29 -23.88 -28.52
C HIS B 118 43.53 -24.91 -27.69
N GLN B 119 42.83 -24.41 -26.67
CA GLN B 119 42.01 -25.25 -25.82
C GLN B 119 40.87 -24.42 -25.24
N GLY B 120 39.75 -25.07 -25.01
CA GLY B 120 38.60 -24.41 -24.45
C GLY B 120 37.32 -25.15 -24.78
N ALA B 121 36.24 -24.68 -24.17
CA ALA B 121 34.93 -25.26 -24.41
C ALA B 121 33.86 -24.18 -24.27
N LEU B 122 32.83 -24.26 -25.09
CA LEU B 122 31.70 -23.35 -25.03
C LEU B 122 30.45 -24.12 -24.63
N LEU B 123 29.35 -23.39 -24.44
CA LEU B 123 28.06 -24.01 -24.18
C LEU B 123 27.00 -23.18 -24.94
N VAL B 124 26.25 -23.85 -25.80
CA VAL B 124 25.16 -23.22 -26.54
C VAL B 124 23.85 -23.85 -26.09
N ALA B 125 22.82 -23.02 -25.93
CA ALA B 125 21.54 -23.50 -25.42
C ALA B 125 20.42 -22.60 -25.92
N VAL B 126 19.20 -23.12 -25.85
CA VAL B 126 17.99 -22.41 -26.27
C VAL B 126 17.05 -22.36 -25.08
N LEU B 127 16.79 -21.15 -24.58
CA LEU B 127 15.93 -20.97 -23.42
C LEU B 127 14.66 -20.26 -23.83
N PRO B 128 13.51 -20.93 -23.86
CA PRO B 128 12.25 -20.25 -24.20
C PRO B 128 11.89 -19.21 -23.16
N GLU B 129 11.51 -18.02 -23.65
CA GLU B 129 11.15 -16.87 -22.82
C GLU B 129 12.23 -16.58 -21.78
N TYR B 130 13.37 -16.11 -22.28
CA TYR B 130 14.49 -15.73 -21.43
C TYR B 130 14.38 -14.23 -21.16
N VAL B 131 14.13 -13.89 -19.90
CA VAL B 131 13.94 -12.51 -19.48
C VAL B 131 15.04 -12.14 -18.49
N LEU B 132 15.67 -10.99 -18.71
CA LEU B 132 16.74 -10.52 -17.84
C LEU B 132 16.15 -9.96 -16.54
N GLY B 133 17.02 -9.45 -15.68
CA GLY B 133 16.61 -8.88 -14.42
C GLY B 133 17.62 -7.90 -13.84
N PRO B 153 18.12 -6.48 -29.99
CA PRO B 153 19.25 -5.69 -29.49
C PRO B 153 20.29 -5.40 -30.56
N GLY B 154 19.90 -5.51 -31.82
CA GLY B 154 20.81 -5.29 -32.93
C GLY B 154 21.75 -6.47 -33.14
N GLN B 155 22.41 -6.45 -34.30
CA GLN B 155 23.32 -7.53 -34.65
C GLN B 155 24.48 -7.65 -33.67
N VAL B 156 24.79 -6.56 -32.96
CA VAL B 156 25.88 -6.59 -31.98
C VAL B 156 25.55 -7.42 -30.75
N GLY B 157 24.27 -7.71 -30.51
CA GLY B 157 23.92 -8.49 -29.34
C GLY B 157 24.19 -7.72 -28.06
N ALA B 158 24.71 -8.44 -27.06
CA ALA B 158 25.07 -7.84 -25.79
C ALA B 158 26.10 -8.74 -25.10
N VAL B 159 26.57 -8.30 -23.93
CA VAL B 159 27.60 -9.01 -23.18
C VAL B 159 27.08 -9.22 -21.76
N LEU B 160 27.17 -10.45 -21.27
CA LEU B 160 26.75 -10.73 -19.90
C LEU B 160 27.79 -10.26 -18.90
N THR B 161 27.36 -9.41 -17.98
CA THR B 161 28.22 -8.91 -16.93
C THR B 161 28.40 -9.88 -15.77
N HIS B 162 27.52 -10.87 -15.62
CA HIS B 162 27.66 -11.91 -14.61
C HIS B 162 27.34 -13.24 -15.25
N PRO B 163 28.34 -13.87 -15.89
CA PRO B 163 28.08 -15.14 -16.59
C PRO B 163 27.69 -16.29 -15.67
N TYR B 164 27.96 -16.18 -14.36
CA TYR B 164 27.55 -17.23 -13.42
C TYR B 164 26.04 -17.33 -13.28
N VAL B 165 25.35 -16.20 -13.07
CA VAL B 165 23.90 -16.18 -12.97
C VAL B 165 23.24 -15.85 -14.30
N LEU B 166 24.04 -15.58 -15.34
CA LEU B 166 23.53 -15.22 -16.67
C LEU B 166 22.67 -13.96 -16.62
N ASP B 167 22.86 -13.15 -15.56
CA ASP B 167 22.06 -11.97 -15.27
C ASP B 167 20.57 -12.29 -15.12
N ALA B 168 20.24 -13.57 -14.94
CA ALA B 168 18.88 -13.96 -14.58
C ALA B 168 18.74 -14.29 -13.11
N GLY B 169 19.82 -14.25 -12.33
CA GLY B 169 19.80 -14.83 -11.00
C GLY B 169 19.71 -16.34 -10.99
N ILE B 170 19.86 -16.97 -12.15
CA ILE B 170 19.73 -18.41 -12.32
C ILE B 170 21.12 -18.99 -12.52
N PRO B 171 21.53 -19.99 -11.74
CA PRO B 171 22.92 -20.48 -11.84
C PRO B 171 23.22 -21.12 -13.19
N LEU B 172 24.51 -21.14 -13.53
CA LEU B 172 24.94 -21.63 -14.82
C LEU B 172 25.00 -23.16 -14.85
N SER B 173 25.16 -23.80 -13.69
CA SER B 173 25.31 -25.25 -13.65
C SER B 173 24.07 -25.99 -14.12
N GLN B 174 22.89 -25.40 -13.95
CA GLN B 174 21.63 -26.03 -14.33
C GLN B 174 21.19 -25.63 -15.74
N LEU B 175 22.02 -24.88 -16.46
CA LEU B 175 21.63 -24.38 -17.78
C LEU B 175 21.41 -25.51 -18.78
N THR B 176 21.89 -26.71 -18.48
CA THR B 176 21.83 -27.82 -19.42
C THR B 176 20.47 -28.51 -19.43
N VAL B 177 19.52 -28.08 -18.61
CA VAL B 177 18.17 -28.63 -18.67
C VAL B 177 17.54 -28.34 -20.02
N CYS B 178 17.76 -27.15 -20.56
CA CYS B 178 17.27 -26.81 -21.88
C CYS B 178 18.06 -27.53 -22.95
N PRO B 179 17.53 -27.62 -24.18
CA PRO B 179 18.28 -28.23 -25.27
C PRO B 179 19.62 -27.55 -25.48
N HIS B 180 20.67 -28.35 -25.61
CA HIS B 180 22.03 -27.83 -25.67
C HIS B 180 22.92 -28.80 -26.45
N GLN B 181 24.06 -28.29 -26.88
CA GLN B 181 25.12 -29.11 -27.47
C GLN B 181 26.46 -28.56 -27.03
N TRP B 182 27.37 -29.45 -26.65
CA TRP B 182 28.66 -29.03 -26.13
C TRP B 182 29.62 -28.71 -27.28
N ILE B 183 30.21 -27.52 -27.24
CA ILE B 183 31.21 -27.10 -28.21
C ILE B 183 32.57 -27.21 -27.53
N ASN B 184 33.38 -28.17 -27.97
CA ASN B 184 34.70 -28.40 -27.41
C ASN B 184 35.72 -28.23 -28.53
N LEU B 185 36.66 -27.31 -28.33
CA LEU B 185 37.65 -27.00 -29.36
C LEU B 185 38.54 -28.19 -29.70
N ARG B 186 38.48 -29.27 -28.92
CA ARG B 186 39.29 -30.44 -29.22
C ARG B 186 38.74 -31.25 -30.38
N THR B 187 37.61 -31.94 -30.18
CA THR B 187 37.09 -32.85 -31.19
C THR B 187 36.06 -32.27 -32.14
N ASN B 188 35.51 -31.08 -31.90
CA ASN B 188 34.43 -30.58 -32.73
C ASN B 188 34.57 -29.09 -32.95
N ASN B 189 34.50 -28.66 -34.20
CA ASN B 189 34.61 -27.25 -34.56
C ASN B 189 33.26 -26.58 -34.79
N CYS B 190 32.15 -27.31 -34.72
CA CYS B 190 30.85 -26.72 -35.03
C CYS B 190 29.75 -27.48 -34.27
N ALA B 191 28.63 -26.78 -34.06
CA ALA B 191 27.47 -27.36 -33.42
C ALA B 191 26.23 -26.63 -33.91
N THR B 192 25.08 -27.30 -33.85
CA THR B 192 23.82 -26.73 -34.31
C THR B 192 22.66 -27.24 -33.46
N ILE B 193 21.61 -26.43 -33.37
CA ILE B 193 20.42 -26.77 -32.60
C ILE B 193 19.20 -26.40 -33.43
N ILE B 194 18.31 -27.36 -33.64
CA ILE B 194 17.05 -27.13 -34.35
C ILE B 194 15.94 -27.05 -33.32
N VAL B 195 15.27 -25.91 -33.25
CA VAL B 195 14.22 -25.66 -32.26
C VAL B 195 12.97 -25.23 -33.02
N PRO B 196 11.77 -25.68 -32.61
CA PRO B 196 10.54 -25.19 -33.23
C PRO B 196 9.99 -23.96 -32.53
N TYR B 197 8.84 -23.48 -32.99
CA TYR B 197 8.17 -22.33 -32.36
C TYR B 197 7.31 -22.83 -31.21
N MET B 198 7.50 -22.25 -30.02
CA MET B 198 6.80 -22.65 -28.81
C MET B 198 6.18 -21.42 -28.17
N ASN B 199 4.86 -21.36 -28.14
CA ASN B 199 4.14 -20.25 -27.52
C ASN B 199 2.73 -20.71 -27.19
N THR B 200 2.10 -20.01 -26.25
CA THR B 200 0.70 -20.27 -25.94
C THR B 200 -0.22 -19.82 -27.06
N VAL B 201 0.08 -18.68 -27.68
CA VAL B 201 -0.67 -18.19 -28.83
C VAL B 201 0.12 -18.54 -30.08
N PRO B 202 -0.49 -19.20 -31.08
CA PRO B 202 0.27 -19.61 -32.26
C PRO B 202 0.77 -18.45 -33.10
N PHE B 203 0.04 -17.34 -33.17
CA PHE B 203 0.46 -16.18 -33.95
C PHE B 203 0.74 -15.03 -32.99
N ASP B 204 2.02 -14.66 -32.87
CA ASP B 204 2.40 -13.57 -31.98
C ASP B 204 2.76 -12.31 -32.78
N CYS B 210 10.51 -11.78 -28.64
CA CYS B 210 11.30 -12.33 -27.56
C CYS B 210 10.87 -13.75 -27.23
N ASN B 211 10.78 -14.60 -28.26
CA ASN B 211 10.38 -15.99 -28.05
C ASN B 211 11.40 -16.74 -27.20
N PHE B 212 12.65 -16.76 -27.65
CA PHE B 212 13.70 -17.44 -26.90
C PHE B 212 15.04 -16.78 -27.19
N GLY B 213 15.93 -16.81 -26.20
CA GLY B 213 17.28 -16.28 -26.34
C GLY B 213 18.26 -17.39 -26.67
N LEU B 214 19.41 -17.01 -27.20
CA LEU B 214 20.48 -17.93 -27.55
C LEU B 214 21.67 -17.61 -26.66
N LEU B 215 21.99 -18.53 -25.74
CA LEU B 215 23.06 -18.30 -24.79
C LEU B 215 24.31 -19.09 -25.17
N VAL B 216 25.37 -18.36 -25.50
CA VAL B 216 26.67 -18.95 -25.79
C VAL B 216 27.65 -18.37 -24.78
N ILE B 217 28.13 -19.20 -23.86
CA ILE B 217 29.05 -18.77 -22.81
C ILE B 217 30.12 -19.84 -22.68
N PRO B 218 31.40 -19.49 -22.54
CA PRO B 218 32.45 -20.50 -22.30
C PRO B 218 32.36 -21.06 -20.89
N VAL B 219 32.45 -22.38 -20.77
CA VAL B 219 32.64 -23.01 -19.47
C VAL B 219 34.12 -22.98 -19.08
N VAL B 220 34.99 -23.26 -20.03
CA VAL B 220 36.44 -23.28 -19.82
C VAL B 220 37.05 -22.09 -20.54
N PRO B 221 37.79 -21.22 -19.85
CA PRO B 221 38.39 -20.07 -20.52
C PRO B 221 39.50 -20.48 -21.47
N LEU B 222 39.84 -19.57 -22.37
CA LEU B 222 40.88 -19.83 -23.36
C LEU B 222 42.26 -19.71 -22.74
N ASP B 223 43.15 -20.64 -23.11
CA ASP B 223 44.54 -20.58 -22.69
C ASP B 223 45.42 -21.00 -23.86
N PHE B 224 46.45 -20.20 -24.13
CA PHE B 224 47.32 -20.44 -25.27
C PHE B 224 48.70 -19.85 -24.98
N ASN B 225 49.71 -20.41 -25.65
CA ASN B 225 51.06 -19.91 -25.52
C ASN B 225 51.22 -18.63 -26.34
N ALA B 226 52.18 -17.80 -25.93
CA ALA B 226 52.42 -16.54 -26.62
C ALA B 226 52.91 -16.79 -28.03
N GLY B 227 52.47 -15.95 -28.98
CA GLY B 227 52.82 -16.05 -30.37
C GLY B 227 51.70 -16.56 -31.25
N ALA B 228 50.63 -17.06 -30.64
CA ALA B 228 49.48 -17.55 -31.39
C ALA B 228 48.42 -16.45 -31.54
N THR B 229 47.33 -16.79 -32.21
CA THR B 229 46.26 -15.81 -32.41
C THR B 229 45.40 -15.71 -31.15
N SER B 230 45.28 -14.50 -30.62
CA SER B 230 44.57 -14.29 -29.37
C SER B 230 43.05 -14.25 -29.53
N GLU B 231 42.56 -14.00 -30.73
CA GLU B 231 41.12 -13.94 -30.98
C GLU B 231 40.67 -15.15 -31.79
N ILE B 232 39.62 -15.81 -31.32
CA ILE B 232 39.03 -16.95 -32.01
C ILE B 232 37.65 -16.54 -32.48
N PRO B 233 37.43 -16.37 -33.79
CA PRO B 233 36.11 -15.93 -34.26
C PRO B 233 35.04 -16.98 -34.01
N ILE B 234 33.84 -16.48 -33.72
CA ILE B 234 32.65 -17.30 -33.52
C ILE B 234 31.55 -16.73 -34.41
N THR B 235 31.06 -17.53 -35.35
CA THR B 235 30.03 -17.11 -36.28
C THR B 235 28.73 -17.81 -35.97
N VAL B 236 27.62 -17.12 -36.25
CA VAL B 236 26.27 -17.64 -36.03
C VAL B 236 25.47 -17.41 -37.30
N THR B 237 25.01 -18.49 -37.92
CA THR B 237 24.21 -18.42 -39.14
C THR B 237 22.81 -18.91 -38.84
N ILE B 238 21.81 -18.16 -39.28
CA ILE B 238 20.41 -18.47 -39.04
C ILE B 238 19.79 -18.97 -40.34
N ALA B 239 19.15 -20.13 -40.27
CA ALA B 239 18.48 -20.71 -41.43
C ALA B 239 17.03 -21.03 -41.09
N PRO B 240 16.11 -20.09 -41.29
CA PRO B 240 14.71 -20.35 -40.91
C PRO B 240 14.09 -21.44 -41.79
N MET B 241 13.39 -22.36 -41.14
CA MET B 241 12.72 -23.46 -41.82
C MET B 241 11.26 -23.49 -41.39
N CYS B 242 10.38 -23.79 -42.35
CA CYS B 242 8.92 -23.79 -42.12
C CYS B 242 8.46 -22.42 -41.60
N ALA B 243 8.55 -21.43 -42.49
CA ALA B 243 8.22 -20.06 -42.15
C ALA B 243 6.87 -19.70 -42.76
N GLU B 244 5.91 -19.37 -41.90
CA GLU B 244 4.58 -18.94 -42.32
C GLU B 244 4.30 -17.53 -41.82
N PHE B 245 4.20 -16.60 -42.75
CA PHE B 245 3.97 -15.20 -42.41
C PHE B 245 2.55 -14.77 -42.75
N GLY C 1 -37.28 -40.09 3.02
CA GLY C 1 -35.90 -40.12 2.58
C GLY C 1 -35.10 -41.25 3.19
N ILE C 2 -33.91 -41.49 2.65
CA ILE C 2 -33.03 -42.55 3.13
C ILE C 2 -32.40 -42.10 4.45
N PRO C 3 -32.68 -42.78 5.56
CA PRO C 3 -32.10 -42.37 6.84
C PRO C 3 -30.62 -42.68 6.92
N THR C 4 -29.88 -41.76 7.53
CA THR C 4 -28.44 -41.91 7.71
C THR C 4 -28.00 -41.12 8.93
N GLU C 5 -26.89 -41.55 9.52
CA GLU C 5 -26.29 -40.88 10.67
C GLU C 5 -24.88 -40.45 10.32
N LEU C 6 -24.51 -39.25 10.77
CA LEU C 6 -23.19 -38.69 10.47
C LEU C 6 -22.13 -39.46 11.27
N LYS C 7 -21.15 -40.01 10.56
CA LYS C 7 -20.05 -40.70 11.20
C LYS C 7 -18.99 -39.70 11.64
N PRO C 8 -18.10 -40.08 12.56
CA PRO C 8 -17.01 -39.18 12.95
C PRO C 8 -16.19 -38.75 11.75
N GLY C 9 -15.76 -37.49 11.78
CA GLY C 9 -15.03 -36.92 10.67
C GLY C 9 -15.84 -35.96 9.81
N THR C 10 -17.05 -35.63 10.27
CA THR C 10 -17.86 -34.63 9.60
C THR C 10 -17.42 -33.22 10.01
N ASN C 11 -17.68 -32.27 9.10
CA ASN C 11 -17.39 -30.85 9.34
C ASN C 11 -15.91 -30.61 9.63
N GLN C 12 -15.03 -31.26 8.87
CA GLN C 12 -13.59 -31.05 9.00
C GLN C 12 -13.00 -30.73 7.63
N PHE C 13 -11.79 -30.17 7.64
CA PHE C 13 -11.08 -29.81 6.42
C PHE C 13 -9.70 -30.45 6.47
N LEU C 14 -9.42 -31.33 5.52
CA LEU C 14 -8.12 -31.98 5.41
C LEU C 14 -7.39 -31.42 4.20
N THR C 15 -6.13 -31.03 4.41
CA THR C 15 -5.34 -30.42 3.35
C THR C 15 -5.01 -31.38 2.22
N THR C 16 -4.88 -32.68 2.52
CA THR C 16 -4.55 -33.68 1.50
C THR C 16 -5.80 -34.34 0.92
N ASP C 17 -6.98 -33.92 1.38
CA ASP C 17 -8.23 -34.47 0.89
C ASP C 17 -8.50 -33.95 -0.51
N ASP C 18 -8.77 -34.86 -1.45
CA ASP C 18 -9.10 -34.49 -2.83
C ASP C 18 -10.60 -34.63 -3.00
N GLY C 19 -11.27 -33.47 -3.09
CA GLY C 19 -12.70 -33.41 -3.30
C GLY C 19 -13.06 -32.92 -4.70
N VAL C 20 -14.36 -32.70 -4.88
CA VAL C 20 -14.91 -32.09 -6.09
C VAL C 20 -15.76 -30.91 -5.66
N SER C 21 -15.33 -29.71 -6.02
CA SER C 21 -16.00 -28.49 -5.61
C SER C 21 -17.00 -28.05 -6.67
N ALA C 22 -17.69 -26.95 -6.38
CA ALA C 22 -18.67 -26.40 -7.31
C ALA C 22 -18.02 -25.28 -8.12
N PRO C 23 -18.01 -25.38 -9.45
CA PRO C 23 -17.43 -24.31 -10.26
C PRO C 23 -18.17 -22.99 -10.06
N ILE C 24 -17.39 -21.92 -9.93
CA ILE C 24 -17.97 -20.60 -9.71
C ILE C 24 -18.74 -20.15 -10.94
N LEU C 25 -18.16 -20.32 -12.13
CA LEU C 25 -18.84 -20.00 -13.38
C LEU C 25 -19.28 -21.29 -14.05
N PRO C 26 -20.58 -21.63 -14.04
CA PRO C 26 -21.01 -22.89 -14.65
C PRO C 26 -20.95 -22.90 -16.17
N GLY C 27 -21.09 -21.74 -16.82
CA GLY C 27 -21.15 -21.67 -18.27
C GLY C 27 -19.93 -21.12 -18.96
N PHE C 28 -18.80 -21.00 -18.25
CA PHE C 28 -17.59 -20.45 -18.86
C PHE C 28 -16.83 -21.57 -19.58
N HIS C 29 -16.47 -21.31 -20.83
CA HIS C 29 -15.70 -22.26 -21.62
C HIS C 29 -14.25 -21.79 -21.70
N PRO C 30 -13.30 -22.50 -21.09
CA PRO C 30 -11.90 -22.06 -21.14
C PRO C 30 -11.32 -22.24 -22.53
N THR C 31 -10.20 -21.56 -22.75
CA THR C 31 -9.50 -21.66 -24.02
C THR C 31 -9.01 -23.09 -24.23
N PRO C 32 -9.29 -23.71 -25.38
CA PRO C 32 -8.85 -25.09 -25.58
C PRO C 32 -7.34 -25.16 -25.68
N PRO C 33 -6.72 -26.16 -25.05
CA PRO C 33 -5.26 -26.26 -25.08
C PRO C 33 -4.75 -26.70 -26.44
N ILE C 34 -3.49 -26.34 -26.72
CA ILE C 34 -2.83 -26.72 -27.96
C ILE C 34 -1.54 -27.46 -27.61
N HIS C 35 -0.98 -28.16 -28.60
CA HIS C 35 0.21 -28.96 -28.40
C HIS C 35 1.39 -28.02 -28.16
N ILE C 36 2.04 -28.20 -27.02
CA ILE C 36 3.20 -27.37 -26.68
C ILE C 36 4.44 -28.26 -26.56
N PRO C 37 5.45 -28.06 -27.41
CA PRO C 37 6.68 -28.87 -27.29
C PRO C 37 7.33 -28.68 -25.93
N GLY C 38 8.12 -29.68 -25.54
CA GLY C 38 8.76 -29.66 -24.24
C GLY C 38 7.83 -30.01 -23.09
N GLU C 39 6.97 -30.99 -23.27
CA GLU C 39 6.05 -31.42 -22.22
C GLU C 39 6.74 -32.42 -21.32
N VAL C 40 6.47 -32.31 -20.02
CA VAL C 40 7.07 -33.19 -19.01
C VAL C 40 5.95 -33.90 -18.26
N ARG C 41 5.93 -35.23 -18.35
CA ARG C 41 4.95 -36.04 -17.64
C ARG C 41 5.33 -36.30 -16.18
N ASN C 42 6.61 -36.37 -15.87
CA ASN C 42 7.06 -36.76 -14.53
C ASN C 42 8.39 -36.10 -14.24
N LEU C 43 8.63 -35.82 -12.95
CA LEU C 43 9.88 -35.22 -12.51
C LEU C 43 11.10 -36.09 -12.77
N LEU C 44 10.90 -37.37 -13.11
CA LEU C 44 12.03 -38.23 -13.44
C LEU C 44 12.74 -37.75 -14.71
N GLU C 45 12.01 -37.09 -15.62
CA GLU C 45 12.63 -36.60 -16.84
C GLU C 45 13.64 -35.49 -16.55
N ILE C 46 13.37 -34.65 -15.55
CA ILE C 46 14.29 -33.57 -15.23
C ILE C 46 15.55 -34.12 -14.55
N CYS C 47 15.42 -35.22 -13.81
CA CYS C 47 16.58 -35.79 -13.12
C CYS C 47 17.51 -36.53 -14.08
N ARG C 48 17.02 -36.94 -15.25
CA ARG C 48 17.82 -37.74 -16.17
C ARG C 48 18.70 -36.92 -17.08
N VAL C 49 18.52 -35.60 -17.15
CA VAL C 49 19.37 -34.77 -17.98
C VAL C 49 20.66 -34.46 -17.24
N GLU C 50 21.77 -34.41 -17.99
CA GLU C 50 23.07 -34.20 -17.39
C GLU C 50 23.27 -32.73 -17.03
N THR C 51 23.87 -32.51 -15.85
CA THR C 51 24.16 -31.16 -15.36
C THR C 51 25.56 -31.13 -14.77
N ILE C 52 26.06 -29.93 -14.56
CA ILE C 52 27.44 -29.71 -14.12
C ILE C 52 27.49 -29.66 -12.61
N LEU C 53 28.40 -30.44 -12.02
CA LEU C 53 28.67 -30.35 -10.60
C LEU C 53 29.78 -29.34 -10.33
N GLU C 54 30.06 -29.11 -9.05
CA GLU C 54 31.15 -28.22 -8.66
C GLU C 54 32.17 -29.06 -7.89
N VAL C 55 33.29 -29.38 -8.54
CA VAL C 55 34.34 -30.12 -7.84
C VAL C 55 35.42 -29.18 -7.32
N ASN C 56 35.40 -27.91 -7.74
CA ASN C 56 36.49 -26.98 -7.50
C ASN C 56 36.23 -26.14 -6.25
N ASN C 57 35.18 -26.51 -5.52
CA ASN C 57 34.69 -25.72 -4.39
C ASN C 57 35.82 -25.48 -3.40
N LEU C 58 36.05 -24.20 -3.10
CA LEU C 58 37.12 -23.74 -2.23
C LEU C 58 36.75 -22.39 -1.62
N LYS C 59 37.48 -22.02 -0.56
CA LYS C 59 37.25 -20.72 0.07
C LYS C 59 37.78 -19.59 -0.80
N THR C 60 38.80 -19.86 -1.61
CA THR C 60 39.40 -18.84 -2.45
C THR C 60 38.53 -18.51 -3.66
N ASN C 61 37.76 -19.47 -4.16
CA ASN C 61 36.96 -19.30 -5.37
C ASN C 61 35.65 -18.57 -5.13
N GLU C 62 35.37 -18.18 -3.88
CA GLU C 62 34.14 -17.45 -3.57
C GLU C 62 34.06 -16.11 -4.29
N THR C 63 35.20 -15.44 -4.50
CA THR C 63 35.18 -14.16 -5.19
C THR C 63 34.91 -14.31 -6.68
N THR C 64 35.42 -15.39 -7.27
CA THR C 64 35.22 -15.67 -8.70
C THR C 64 34.54 -17.03 -8.85
N PRO C 65 33.20 -17.08 -8.82
CA PRO C 65 32.49 -18.36 -8.96
C PRO C 65 32.71 -19.05 -10.30
N MET C 66 33.18 -18.35 -11.32
CA MET C 66 33.40 -18.96 -12.62
C MET C 66 34.47 -20.03 -12.62
N GLN C 67 35.50 -19.90 -11.76
CA GLN C 67 36.52 -20.93 -11.68
C GLN C 67 36.04 -22.17 -10.94
N ARG C 68 34.87 -22.10 -10.30
CA ARG C 68 34.34 -23.24 -9.55
C ARG C 68 33.89 -24.37 -10.46
N LEU C 69 33.56 -24.07 -11.71
CA LEU C 69 33.02 -25.06 -12.64
C LEU C 69 33.99 -26.20 -12.94
N CYS C 70 35.27 -25.89 -13.16
CA CYS C 70 36.25 -26.89 -13.56
C CYS C 70 37.41 -26.90 -12.58
N PHE C 71 38.20 -27.98 -12.62
CA PHE C 71 39.35 -28.12 -11.76
C PHE C 71 40.60 -28.32 -12.60
N PRO C 72 41.72 -27.72 -12.20
CA PRO C 72 42.92 -27.73 -13.04
C PRO C 72 43.70 -29.04 -12.98
N VAL C 73 44.40 -29.30 -14.09
CA VAL C 73 45.43 -30.33 -14.17
C VAL C 73 46.64 -29.72 -14.87
N SER C 74 47.82 -29.96 -14.31
CA SER C 74 49.03 -29.28 -14.77
C SER C 74 50.18 -30.27 -14.84
N VAL C 75 51.27 -29.85 -15.50
CA VAL C 75 52.46 -30.68 -15.62
C VAL C 75 53.20 -30.85 -14.30
N GLN C 76 52.99 -29.95 -13.33
CA GLN C 76 53.65 -30.04 -12.03
C GLN C 76 53.22 -31.26 -11.25
N SER C 77 52.00 -31.73 -11.42
CA SER C 77 51.52 -32.91 -10.71
C SER C 77 52.30 -34.15 -11.12
N LYS C 78 52.70 -34.94 -10.13
CA LYS C 78 53.47 -36.16 -10.36
C LYS C 78 52.54 -37.36 -10.38
N THR C 79 53.13 -38.54 -10.51
CA THR C 79 52.38 -39.78 -10.56
C THR C 79 52.03 -40.23 -9.14
N GLY C 80 50.76 -40.52 -8.91
CA GLY C 80 50.29 -41.00 -7.62
C GLY C 80 49.55 -39.98 -6.80
N GLU C 81 49.51 -38.72 -7.22
CA GLU C 81 48.81 -37.70 -6.46
C GLU C 81 47.31 -37.78 -6.71
N LEU C 82 46.53 -37.31 -5.74
CA LEU C 82 45.08 -37.33 -5.80
C LEU C 82 44.60 -35.99 -6.33
N CYS C 83 44.00 -36.01 -7.52
CA CYS C 83 43.49 -34.78 -8.13
C CYS C 83 42.25 -34.25 -7.42
N ALA C 84 41.21 -35.07 -7.28
CA ALA C 84 39.98 -34.64 -6.63
C ALA C 84 39.31 -35.83 -5.98
N ALA C 85 38.69 -35.58 -4.82
CA ALA C 85 37.93 -36.61 -4.12
C ALA C 85 36.67 -35.97 -3.55
N PHE C 86 35.53 -36.56 -3.83
CA PHE C 86 34.26 -36.04 -3.31
C PHE C 86 33.29 -37.19 -3.06
N ARG C 87 32.55 -37.07 -1.96
CA ARG C 87 31.46 -38.00 -1.65
C ARG C 87 30.26 -37.66 -2.51
N ALA C 88 29.47 -38.68 -2.88
CA ALA C 88 28.22 -38.42 -3.59
C ALA C 88 27.04 -38.81 -2.72
N ASP C 89 26.42 -37.79 -2.13
CA ASP C 89 25.06 -37.86 -1.60
C ASP C 89 24.25 -36.78 -2.27
N PRO C 90 23.22 -37.11 -3.06
CA PRO C 90 22.45 -36.05 -3.74
C PRO C 90 21.84 -35.02 -2.78
N GLY C 91 21.46 -35.43 -1.58
CA GLY C 91 20.74 -34.52 -0.70
C GLY C 91 21.62 -33.52 0.02
N ARG C 92 22.77 -33.98 0.52
CA ARG C 92 23.57 -33.15 1.40
C ARG C 92 24.18 -31.96 0.65
N ASP C 93 24.53 -30.93 1.40
CA ASP C 93 25.20 -29.78 0.83
C ASP C 93 26.62 -30.14 0.41
N GLY C 94 27.02 -29.66 -0.77
CA GLY C 94 28.31 -29.99 -1.33
C GLY C 94 28.33 -29.88 -2.83
N PRO C 95 29.22 -30.64 -3.47
CA PRO C 95 29.30 -30.59 -4.94
C PRO C 95 27.99 -30.92 -5.63
N TRP C 96 27.09 -31.64 -4.96
CA TRP C 96 25.83 -32.07 -5.55
C TRP C 96 24.69 -31.09 -5.31
N GLN C 97 24.96 -29.96 -4.66
CA GLN C 97 23.93 -28.95 -4.45
C GLN C 97 23.66 -28.12 -5.70
N SER C 98 24.65 -27.99 -6.59
CA SER C 98 24.49 -27.18 -7.79
C SER C 98 23.68 -27.86 -8.87
N THR C 99 23.72 -29.19 -8.94
CA THR C 99 22.98 -29.90 -9.97
C THR C 99 21.48 -29.84 -9.71
N ILE C 100 20.71 -30.05 -10.78
CA ILE C 100 19.26 -30.06 -10.65
C ILE C 100 18.76 -31.28 -9.91
N LEU C 101 19.54 -32.37 -9.91
CA LEU C 101 19.15 -33.56 -9.15
C LEU C 101 19.18 -33.30 -7.65
N GLY C 102 20.27 -32.72 -7.15
CA GLY C 102 20.37 -32.41 -5.74
C GLY C 102 19.33 -31.44 -5.24
N GLN C 103 18.88 -30.51 -6.09
CA GLN C 103 17.84 -29.57 -5.71
C GLN C 103 16.47 -30.23 -5.63
N LEU C 104 16.16 -31.13 -6.57
CA LEU C 104 14.88 -31.84 -6.53
C LEU C 104 14.84 -32.86 -5.39
N CYS C 105 15.99 -33.34 -4.93
CA CYS C 105 16.05 -34.23 -3.79
C CYS C 105 15.86 -33.51 -2.46
N ARG C 106 15.85 -32.17 -2.47
CA ARG C 106 15.61 -31.42 -1.25
C ARG C 106 14.15 -31.40 -0.85
N TYR C 107 13.24 -31.53 -1.82
CA TYR C 107 11.80 -31.57 -1.55
C TYR C 107 11.34 -32.96 -1.12
N TYR C 108 12.24 -33.95 -1.11
CA TYR C 108 11.88 -35.32 -0.81
C TYR C 108 12.82 -35.88 0.24
N THR C 109 12.29 -36.82 1.04
CA THR C 109 13.02 -37.41 2.14
C THR C 109 13.75 -38.70 1.76
N GLN C 110 13.03 -39.73 1.35
CA GLN C 110 13.61 -41.00 0.97
C GLN C 110 13.80 -41.07 -0.54
N TRP C 111 15.06 -41.16 -0.98
CA TRP C 111 15.37 -41.35 -2.38
C TRP C 111 16.41 -42.45 -2.50
N SER C 112 16.34 -43.19 -3.60
CA SER C 112 17.30 -44.25 -3.86
C SER C 112 17.34 -44.54 -5.36
N GLY C 113 18.42 -45.18 -5.80
CA GLY C 113 18.59 -45.52 -7.19
C GLY C 113 20.06 -45.60 -7.55
N SER C 114 20.34 -45.48 -8.84
CA SER C 114 21.69 -45.46 -9.36
C SER C 114 21.96 -44.14 -10.05
N LEU C 115 23.23 -43.74 -10.09
CA LEU C 115 23.64 -42.46 -10.64
C LEU C 115 24.65 -42.66 -11.76
N GLU C 116 25.08 -41.55 -12.37
CA GLU C 116 26.07 -41.58 -13.43
C GLU C 116 26.86 -40.29 -13.37
N VAL C 117 28.15 -40.37 -13.66
CA VAL C 117 29.05 -39.21 -13.64
C VAL C 117 29.81 -39.17 -14.95
N THR C 118 29.83 -37.99 -15.58
CA THR C 118 30.46 -37.80 -16.88
C THR C 118 31.53 -36.72 -16.78
N PHE C 119 32.69 -36.98 -17.37
CA PHE C 119 33.79 -36.03 -17.41
C PHE C 119 34.04 -35.56 -18.85
N MET C 120 34.54 -34.34 -18.98
CA MET C 120 34.81 -33.75 -20.28
C MET C 120 36.19 -33.11 -20.24
N PHE C 121 36.94 -33.26 -21.34
CA PHE C 121 38.30 -32.74 -21.44
C PHE C 121 38.34 -31.61 -22.46
N ALA C 122 38.55 -30.39 -21.99
CA ALA C 122 38.56 -29.20 -22.82
C ALA C 122 39.97 -28.80 -23.23
N GLY C 123 40.96 -29.62 -22.86
CA GLY C 123 42.35 -29.32 -23.11
C GLY C 123 42.71 -29.36 -24.59
N SER C 124 44.00 -29.16 -24.85
CA SER C 124 44.50 -29.11 -26.22
C SER C 124 44.38 -30.46 -26.91
N PHE C 125 44.39 -30.43 -28.24
CA PHE C 125 44.16 -31.64 -29.02
C PHE C 125 45.36 -32.58 -29.00
N MET C 126 46.58 -32.06 -29.00
CA MET C 126 47.78 -32.88 -29.08
C MET C 126 48.26 -33.37 -27.72
N ALA C 127 47.54 -33.05 -26.65
CA ALA C 127 47.88 -33.51 -25.31
C ALA C 127 47.44 -34.95 -25.11
N THR C 128 48.25 -35.71 -24.40
CA THR C 128 47.95 -37.11 -24.12
C THR C 128 48.29 -37.41 -22.67
N GLY C 129 47.57 -38.37 -22.11
CA GLY C 129 47.78 -38.80 -20.74
C GLY C 129 46.64 -39.66 -20.26
N LYS C 130 46.89 -40.34 -19.14
CA LYS C 130 45.94 -41.28 -18.55
C LYS C 130 45.48 -40.76 -17.20
N MET C 131 44.24 -41.09 -16.83
CA MET C 131 43.65 -40.68 -15.57
C MET C 131 42.89 -41.85 -14.96
N LEU C 132 43.08 -42.05 -13.66
CA LEU C 132 42.44 -43.14 -12.93
C LEU C 132 41.19 -42.61 -12.24
N ILE C 133 40.05 -43.24 -12.52
CA ILE C 133 38.77 -42.89 -11.92
C ILE C 133 38.34 -44.08 -11.08
N ALA C 134 38.34 -43.93 -9.76
CA ALA C 134 38.03 -45.01 -8.85
C ALA C 134 36.80 -44.66 -8.01
N TYR C 135 36.06 -45.69 -7.62
CA TYR C 135 34.88 -45.54 -6.78
C TYR C 135 34.96 -46.54 -5.63
N THR C 136 34.95 -46.01 -4.40
CA THR C 136 34.99 -46.88 -3.22
C THR C 136 33.56 -47.25 -2.81
N PRO C 137 33.31 -48.54 -2.54
CA PRO C 137 31.97 -48.94 -2.11
C PRO C 137 31.59 -48.26 -0.82
N PRO C 138 30.30 -48.04 -0.59
CA PRO C 138 29.86 -47.39 0.64
C PRO C 138 30.26 -48.18 1.88
N GLY C 139 30.75 -47.48 2.89
CA GLY C 139 31.19 -48.11 4.12
C GLY C 139 32.66 -48.44 4.17
N GLY C 140 33.41 -48.19 3.10
CA GLY C 140 34.83 -48.49 3.07
C GLY C 140 35.66 -47.34 3.62
N SER C 141 36.91 -47.28 3.17
CA SER C 141 37.86 -46.27 3.60
C SER C 141 38.43 -45.54 2.38
N VAL C 142 39.02 -44.38 2.65
CA VAL C 142 39.61 -43.58 1.57
C VAL C 142 40.88 -44.26 1.09
N PRO C 143 41.07 -44.46 -0.22
CA PRO C 143 42.31 -45.07 -0.71
C PRO C 143 43.52 -44.22 -0.35
N ALA C 144 44.55 -44.89 0.17
CA ALA C 144 45.76 -44.18 0.58
C ALA C 144 46.61 -43.76 -0.61
N ASP C 145 46.78 -44.65 -1.58
CA ASP C 145 47.60 -44.37 -2.76
C ASP C 145 46.89 -44.96 -3.98
N ARG C 146 47.58 -44.94 -5.12
CA ARG C 146 46.95 -45.40 -6.36
C ARG C 146 46.76 -46.90 -6.38
N ILE C 147 47.72 -47.66 -5.85
CA ILE C 147 47.68 -49.12 -5.97
C ILE C 147 46.54 -49.73 -5.17
N THR C 148 46.11 -49.09 -4.09
CA THR C 148 45.02 -49.63 -3.27
C THR C 148 43.65 -49.32 -3.84
N ALA C 149 43.54 -48.35 -4.76
CA ALA C 149 42.26 -48.02 -5.38
C ALA C 149 41.99 -48.82 -6.64
N MET C 150 42.97 -49.58 -7.14
CA MET C 150 42.75 -50.36 -8.35
C MET C 150 41.97 -51.64 -8.06
N LEU C 151 42.02 -52.14 -6.83
CA LEU C 151 41.32 -53.37 -6.49
C LEU C 151 39.81 -53.23 -6.57
N GLY C 152 39.28 -52.03 -6.37
CA GLY C 152 37.86 -51.79 -6.44
C GLY C 152 37.39 -51.44 -7.84
N THR C 153 36.20 -50.86 -7.91
CA THR C 153 35.65 -50.44 -9.19
C THR C 153 36.45 -49.26 -9.75
N HIS C 154 36.93 -49.39 -10.98
CA HIS C 154 37.77 -48.38 -11.56
C HIS C 154 37.61 -48.40 -13.08
N VAL C 155 38.01 -47.31 -13.71
CA VAL C 155 38.03 -47.20 -15.17
C VAL C 155 39.23 -46.34 -15.56
N ILE C 156 39.90 -46.74 -16.65
CA ILE C 156 41.06 -46.04 -17.16
C ILE C 156 40.59 -45.05 -18.23
N TRP C 157 40.84 -43.76 -17.99
CA TRP C 157 40.39 -42.70 -18.88
C TRP C 157 41.61 -42.07 -19.54
N ASP C 158 41.76 -42.31 -20.85
CA ASP C 158 42.87 -41.77 -21.63
C ASP C 158 42.29 -40.81 -22.65
N PHE C 159 42.59 -39.51 -22.48
CA PHE C 159 42.03 -38.48 -23.35
C PHE C 159 42.77 -38.34 -24.67
N GLY C 160 43.84 -39.11 -24.89
CA GLY C 160 44.48 -39.13 -26.20
C GLY C 160 43.61 -39.74 -27.28
N LEU C 161 42.62 -40.54 -26.90
CA LEU C 161 41.69 -41.15 -27.85
C LEU C 161 40.24 -40.91 -27.48
N GLN C 162 39.78 -41.37 -26.33
CA GLN C 162 38.41 -41.19 -25.88
C GLN C 162 38.34 -39.99 -24.95
N SER C 163 37.46 -39.04 -25.27
CA SER C 163 37.38 -37.78 -24.55
C SER C 163 36.42 -37.82 -23.36
N SER C 164 35.60 -38.85 -23.24
CA SER C 164 34.65 -38.92 -22.13
C SER C 164 34.31 -40.37 -21.82
N VAL C 165 33.96 -40.64 -20.57
CA VAL C 165 33.50 -41.95 -20.12
C VAL C 165 32.33 -41.74 -19.17
N THR C 166 31.62 -42.82 -18.87
CA THR C 166 30.47 -42.79 -17.98
C THR C 166 30.71 -43.74 -16.81
N LEU C 167 30.80 -43.17 -15.61
CA LEU C 167 30.96 -43.96 -14.37
C LEU C 167 29.59 -44.12 -13.74
N VAL C 168 29.18 -45.37 -13.55
CA VAL C 168 27.86 -45.68 -13.03
C VAL C 168 27.98 -46.07 -11.56
N VAL C 169 27.39 -45.27 -10.68
CA VAL C 169 27.35 -45.62 -9.26
C VAL C 169 26.33 -46.74 -9.06
N PRO C 170 26.72 -47.90 -8.54
CA PRO C 170 25.80 -49.04 -8.49
C PRO C 170 24.57 -48.83 -7.64
N TRP C 171 24.73 -48.31 -6.42
CA TRP C 171 23.60 -48.18 -5.52
C TRP C 171 23.85 -47.05 -4.54
N ILE C 172 22.77 -46.36 -4.16
CA ILE C 172 22.79 -45.35 -3.10
C ILE C 172 21.49 -45.50 -2.30
N SER C 173 21.56 -45.12 -1.02
CA SER C 173 20.40 -45.20 -0.15
C SER C 173 20.50 -44.13 0.92
N ASN C 174 19.32 -43.64 1.34
CA ASN C 174 19.21 -42.69 2.45
C ASN C 174 18.05 -43.15 3.32
N THR C 175 18.35 -43.47 4.58
CA THR C 175 17.32 -43.92 5.51
C THR C 175 17.33 -43.09 6.79
N THR C 191 27.95 -43.45 2.27
CA THR C 191 27.95 -43.03 0.87
C THR C 191 29.23 -43.50 0.17
N GLY C 192 29.28 -43.30 -1.15
CA GLY C 192 30.41 -43.70 -1.94
C GLY C 192 31.50 -42.64 -1.99
N ILE C 193 32.67 -43.06 -2.44
CA ILE C 193 33.84 -42.19 -2.54
C ILE C 193 34.31 -42.20 -3.98
N ILE C 194 34.25 -41.05 -4.64
CA ILE C 194 34.71 -40.89 -6.02
C ILE C 194 36.03 -40.13 -5.99
N THR C 195 37.11 -40.82 -6.34
CA THR C 195 38.45 -40.23 -6.35
C THR C 195 39.01 -40.25 -7.76
N ILE C 196 39.79 -39.21 -8.09
CA ILE C 196 40.45 -39.10 -9.38
C ILE C 196 41.96 -39.10 -9.13
N TRP C 197 42.63 -40.13 -9.61
CA TRP C 197 44.05 -40.33 -9.37
C TRP C 197 44.84 -40.14 -10.66
N TYR C 198 46.07 -39.66 -10.50
CA TYR C 198 46.99 -39.47 -11.62
C TYR C 198 47.68 -40.78 -11.97
N GLN C 199 47.50 -41.21 -13.22
CA GLN C 199 48.18 -42.39 -13.74
C GLN C 199 49.49 -42.05 -14.44
N THR C 200 49.43 -41.35 -15.56
CA THR C 200 50.61 -40.86 -16.24
C THR C 200 50.63 -39.33 -16.17
N ASN C 201 51.83 -38.78 -16.16
CA ASN C 201 51.98 -37.32 -16.11
C ASN C 201 51.41 -36.70 -17.39
N TYR C 202 51.02 -35.43 -17.27
CA TYR C 202 50.43 -34.71 -18.40
C TYR C 202 51.52 -34.47 -19.44
N VAL C 203 51.28 -34.92 -20.66
CA VAL C 203 52.27 -34.78 -21.74
C VAL C 203 51.85 -33.65 -22.66
N VAL C 204 52.73 -32.68 -22.83
CA VAL C 204 52.43 -31.51 -23.66
C VAL C 204 53.58 -31.27 -24.63
N PRO C 205 53.30 -30.90 -25.88
CA PRO C 205 54.37 -30.50 -26.79
C PRO C 205 54.70 -29.02 -26.61
N ILE C 206 55.60 -28.55 -27.47
CA ILE C 206 56.01 -27.14 -27.43
C ILE C 206 54.91 -26.31 -28.07
N GLY C 207 54.65 -25.13 -27.49
CA GLY C 207 53.63 -24.21 -27.98
C GLY C 207 52.22 -24.53 -27.50
N ALA C 208 52.02 -25.73 -26.97
CA ALA C 208 50.72 -26.13 -26.47
C ALA C 208 50.55 -25.74 -25.01
N PRO C 209 49.32 -25.49 -24.57
CA PRO C 209 49.09 -25.10 -23.17
C PRO C 209 49.51 -26.20 -22.20
N THR C 210 50.10 -25.76 -21.09
CA THR C 210 50.59 -26.66 -20.05
C THR C 210 49.59 -26.88 -18.94
N THR C 211 48.39 -26.30 -19.04
CA THR C 211 47.36 -26.45 -18.01
C THR C 211 46.03 -26.68 -18.69
N ALA C 212 45.33 -27.74 -18.27
CA ALA C 212 44.03 -28.10 -18.83
C ALA C 212 42.99 -28.13 -17.72
N TYR C 213 41.72 -28.06 -18.13
CA TYR C 213 40.59 -28.08 -17.21
C TYR C 213 39.64 -29.21 -17.60
N ILE C 214 39.06 -29.84 -16.58
CA ILE C 214 38.13 -30.95 -16.77
C ILE C 214 36.82 -30.59 -16.09
N VAL C 215 35.72 -30.69 -16.84
CA VAL C 215 34.39 -30.37 -16.34
C VAL C 215 33.66 -31.67 -16.03
N ALA C 216 33.02 -31.73 -14.86
CA ALA C 216 32.34 -32.93 -14.40
C ALA C 216 30.84 -32.77 -14.58
N LEU C 217 30.20 -33.79 -15.16
CA LEU C 217 28.76 -33.81 -15.35
C LEU C 217 28.17 -35.05 -14.68
N ALA C 218 26.89 -34.97 -14.35
CA ALA C 218 26.20 -36.07 -13.67
C ALA C 218 24.73 -36.07 -14.05
N ALA C 219 24.15 -37.28 -14.08
CA ALA C 219 22.74 -37.44 -14.39
C ALA C 219 22.21 -38.69 -13.70
N ALA C 220 20.95 -38.65 -13.30
CA ALA C 220 20.31 -39.79 -12.67
C ALA C 220 19.87 -40.81 -13.72
N GLN C 221 19.76 -42.07 -13.29
CA GLN C 221 19.34 -43.16 -14.14
C GLN C 221 17.83 -43.40 -14.01
N ASP C 222 17.35 -44.46 -14.66
CA ASP C 222 15.91 -44.75 -14.68
C ASP C 222 15.42 -45.41 -13.39
N ASN C 223 16.29 -46.10 -12.65
CA ASN C 223 15.89 -46.81 -11.44
C ASN C 223 15.84 -45.90 -10.22
N PHE C 224 16.15 -44.62 -10.39
CA PHE C 224 16.16 -43.66 -9.30
C PHE C 224 14.72 -43.31 -8.93
N THR C 225 14.37 -43.52 -7.67
CA THR C 225 13.02 -43.27 -7.17
C THR C 225 13.07 -42.32 -6.00
N MET C 226 11.92 -41.72 -5.69
CA MET C 226 11.82 -40.72 -4.64
C MET C 226 10.39 -40.72 -4.10
N LYS C 227 10.26 -40.33 -2.83
CA LYS C 227 8.97 -40.35 -2.16
C LYS C 227 9.04 -39.53 -0.88
N LEU C 228 7.91 -39.45 -0.18
CA LEU C 228 7.78 -38.76 1.11
C LEU C 228 8.19 -37.28 0.98
N CYS C 229 7.31 -36.54 0.30
CA CYS C 229 7.56 -35.13 0.02
C CYS C 229 7.63 -34.32 1.30
N LYS C 230 8.71 -33.55 1.45
CA LYS C 230 8.87 -32.65 2.59
C LYS C 230 9.45 -31.34 2.11
N ASP C 231 8.79 -30.24 2.44
CA ASP C 231 9.25 -28.92 2.01
C ASP C 231 10.43 -28.45 2.85
N THR C 232 11.21 -27.54 2.27
CA THR C 232 12.35 -26.95 2.95
C THR C 232 12.29 -25.43 2.91
N ASP D 1 -26.96 6.52 7.60
CA ASP D 1 -25.72 7.06 8.11
C ASP D 1 -25.82 7.26 9.62
N ILE D 2 -24.68 7.20 10.31
CA ILE D 2 -24.66 7.42 11.75
C ILE D 2 -24.96 8.88 12.03
N GLN D 3 -25.89 9.12 12.97
CA GLN D 3 -26.31 10.47 13.31
C GLN D 3 -26.74 10.51 14.77
N MET D 4 -26.44 11.62 15.44
CA MET D 4 -26.81 11.78 16.83
C MET D 4 -26.92 13.27 17.16
N THR D 5 -27.75 13.57 18.16
CA THR D 5 -27.94 14.94 18.64
C THR D 5 -28.00 14.93 20.16
N GLN D 6 -27.90 16.11 20.76
CA GLN D 6 -27.96 16.22 22.21
C GLN D 6 -29.34 16.73 22.64
N SER D 7 -29.54 16.74 23.96
CA SER D 7 -30.70 17.38 24.55
C SER D 7 -30.37 17.87 25.96
N PRO D 8 -30.96 19.01 26.37
CA PRO D 8 -31.70 19.98 25.56
C PRO D 8 -30.75 20.96 24.89
N ALA D 9 -31.30 22.02 24.29
CA ALA D 9 -30.50 23.01 23.58
C ALA D 9 -29.45 23.65 24.50
N SER D 10 -29.88 24.20 25.63
CA SER D 10 -28.96 24.89 26.53
C SER D 10 -29.38 24.66 27.98
N LEU D 11 -28.42 24.77 28.89
CA LEU D 11 -28.65 24.61 30.31
C LEU D 11 -28.14 25.83 31.06
N SER D 12 -28.68 26.03 32.27
CA SER D 12 -28.19 27.04 33.19
C SER D 12 -28.06 26.40 34.57
N VAL D 13 -26.83 26.31 35.07
CA VAL D 13 -26.55 25.70 36.36
C VAL D 13 -25.55 26.57 37.10
N SER D 14 -25.87 26.97 38.33
CA SER D 14 -24.96 27.77 39.12
C SER D 14 -23.83 26.92 39.68
N VAL D 15 -23.00 27.55 40.51
CA VAL D 15 -21.86 26.87 41.12
C VAL D 15 -22.35 26.08 42.32
N GLY D 16 -22.04 24.79 42.35
CA GLY D 16 -22.39 23.94 43.46
C GLY D 16 -23.59 23.03 43.28
N GLU D 17 -24.11 22.87 42.06
CA GLU D 17 -25.24 22.01 41.78
C GLU D 17 -24.80 20.87 40.86
N THR D 18 -25.76 20.01 40.51
CA THR D 18 -25.51 18.83 39.68
C THR D 18 -25.98 19.10 38.26
N VAL D 19 -25.15 18.74 37.30
CA VAL D 19 -25.44 18.93 35.88
C VAL D 19 -25.72 17.57 35.26
N THR D 20 -26.89 17.43 34.64
CA THR D 20 -27.29 16.21 33.94
C THR D 20 -27.45 16.57 32.47
N ILE D 21 -26.55 16.05 31.63
CA ILE D 21 -26.58 16.29 30.19
C ILE D 21 -26.48 14.94 29.48
N THR D 22 -27.24 14.79 28.39
CA THR D 22 -27.30 13.55 27.65
C THR D 22 -27.24 13.82 26.15
N CYS D 23 -26.66 12.88 25.41
CA CYS D 23 -26.67 12.90 23.96
C CYS D 23 -27.02 11.52 23.44
N ARG D 24 -28.13 11.43 22.71
CA ARG D 24 -28.67 10.16 22.24
C ARG D 24 -28.20 9.88 20.82
N ALA D 25 -27.88 8.62 20.56
CA ALA D 25 -27.45 8.18 19.23
C ALA D 25 -28.50 7.25 18.62
N SER D 26 -28.59 7.30 17.30
CA SER D 26 -29.55 6.49 16.57
C SER D 26 -29.19 5.00 16.61
N GLU D 27 -27.96 4.66 16.23
CA GLU D 27 -27.45 3.31 16.33
C GLU D 27 -26.74 3.11 17.67
N ASN D 28 -26.24 1.90 17.88
CA ASN D 28 -25.64 1.56 19.17
C ASN D 28 -24.14 1.30 19.00
N ILE D 29 -23.34 2.17 19.60
CA ILE D 29 -21.89 2.01 19.61
C ILE D 29 -21.41 1.03 20.67
N TYR D 30 -22.09 0.92 21.82
CA TYR D 30 -21.81 -0.04 22.89
C TYR D 30 -20.56 0.33 23.70
N SER D 31 -19.73 1.23 23.18
CA SER D 31 -18.44 1.45 23.83
C SER D 31 -18.08 2.92 24.05
N ASN D 32 -17.82 3.65 22.97
CA ASN D 32 -17.00 4.86 23.05
C ASN D 32 -17.89 6.11 23.07
N LEU D 33 -17.57 7.02 23.98
CA LEU D 33 -18.15 8.35 24.02
C LEU D 33 -17.11 9.30 24.62
N ALA D 34 -17.07 10.53 24.12
CA ALA D 34 -16.13 11.53 24.60
C ALA D 34 -16.83 12.88 24.80
N TRP D 35 -16.30 13.65 25.73
CA TRP D 35 -16.82 14.98 26.04
C TRP D 35 -15.69 16.00 25.93
N TYR D 36 -16.00 17.14 25.33
CA TYR D 36 -14.99 18.17 25.07
C TYR D 36 -15.43 19.48 25.71
N GLN D 37 -14.44 20.22 26.21
CA GLN D 37 -14.66 21.53 26.83
C GLN D 37 -14.08 22.59 25.91
N GLN D 38 -14.95 23.39 25.30
CA GLN D 38 -14.53 24.46 24.40
C GLN D 38 -15.09 25.78 24.89
N LYS D 39 -14.18 26.70 25.26
CA LYS D 39 -14.56 28.04 25.68
C LYS D 39 -14.53 28.97 24.48
N GLN D 40 -14.68 30.27 24.74
CA GLN D 40 -14.69 31.26 23.67
C GLN D 40 -13.26 31.56 23.22
N GLY D 41 -12.98 31.34 21.95
CA GLY D 41 -11.68 31.65 21.39
C GLY D 41 -10.58 30.67 21.71
N LYS D 42 -10.92 29.49 22.22
CA LYS D 42 -9.93 28.47 22.55
C LYS D 42 -10.37 27.12 22.01
N SER D 43 -9.40 26.19 21.92
CA SER D 43 -9.61 24.87 21.37
C SER D 43 -10.08 23.89 22.45
N PRO D 44 -10.88 22.90 22.07
CA PRO D 44 -11.33 21.90 23.05
C PRO D 44 -10.18 21.03 23.54
N GLN D 45 -10.45 20.32 24.62
CA GLN D 45 -9.54 19.30 25.13
C GLN D 45 -10.34 18.11 25.60
N LEU D 46 -9.66 16.98 25.78
CA LEU D 46 -10.33 15.75 26.17
C LEU D 46 -10.63 15.76 27.67
N LEU D 47 -11.83 15.31 28.04
CA LEU D 47 -12.23 15.21 29.43
C LEU D 47 -12.49 13.77 29.85
N VAL D 48 -13.57 13.17 29.39
CA VAL D 48 -13.93 11.79 29.72
C VAL D 48 -14.08 11.02 28.42
N TYR D 49 -13.33 9.93 28.27
CA TYR D 49 -13.37 9.09 27.09
C TYR D 49 -13.89 7.71 27.46
N ALA D 50 -14.49 7.03 26.49
CA ALA D 50 -15.09 5.71 26.68
C ALA D 50 -16.19 5.73 27.75
N ALA D 51 -16.80 6.89 27.95
CA ALA D 51 -17.95 7.08 28.83
C ALA D 51 -17.63 6.82 30.30
N THR D 52 -16.40 6.38 30.59
CA THR D 52 -16.01 6.05 31.96
C THR D 52 -14.73 6.73 32.39
N ASN D 53 -13.59 6.39 31.79
CA ASN D 53 -12.30 6.91 32.22
C ASN D 53 -12.19 8.39 31.88
N LEU D 54 -11.53 9.14 32.77
CA LEU D 54 -11.35 10.57 32.59
C LEU D 54 -9.89 10.89 32.28
N ALA D 55 -9.67 11.91 31.44
CA ALA D 55 -8.33 12.27 31.04
C ALA D 55 -7.62 13.05 32.13
N ASP D 56 -6.37 13.42 31.85
CA ASP D 56 -5.57 14.16 32.82
C ASP D 56 -6.08 15.59 32.98
N GLY D 57 -5.78 16.19 34.13
CA GLY D 57 -6.23 17.53 34.44
C GLY D 57 -7.69 17.65 34.78
N VAL D 58 -8.46 16.58 34.68
CA VAL D 58 -9.90 16.64 34.97
C VAL D 58 -10.12 16.19 36.41
N PRO D 59 -10.82 16.98 37.23
CA PRO D 59 -11.06 16.56 38.62
C PRO D 59 -12.09 15.45 38.72
N SER D 60 -12.36 15.00 39.94
CA SER D 60 -13.34 13.93 40.18
C SER D 60 -14.78 14.41 40.02
N ARG D 61 -15.01 15.71 39.83
CA ARG D 61 -16.36 16.22 39.71
C ARG D 61 -17.03 15.78 38.42
N PHE D 62 -16.26 15.40 37.40
CA PHE D 62 -16.83 14.95 36.14
C PHE D 62 -16.85 13.42 36.09
N SER D 63 -18.05 12.87 35.92
CA SER D 63 -18.22 11.42 35.87
C SER D 63 -19.24 11.08 34.79
N GLY D 64 -18.87 10.13 33.92
CA GLY D 64 -19.76 9.69 32.86
C GLY D 64 -20.47 8.39 33.22
N SER D 65 -21.49 8.07 32.44
CA SER D 65 -22.27 6.86 32.66
C SER D 65 -23.09 6.58 31.40
N GLY D 66 -23.93 5.55 31.48
CA GLY D 66 -24.80 5.16 30.41
C GLY D 66 -24.29 3.94 29.66
N SER D 67 -25.24 3.24 29.03
CA SER D 67 -24.93 2.06 28.25
C SER D 67 -25.87 2.00 27.05
N GLY D 68 -25.45 1.26 26.03
CA GLY D 68 -26.24 1.13 24.83
C GLY D 68 -26.34 2.42 24.04
N THR D 69 -27.56 2.84 23.72
CA THR D 69 -27.78 4.08 23.01
C THR D 69 -28.08 5.26 23.93
N GLN D 70 -28.14 5.04 25.25
CA GLN D 70 -28.43 6.08 26.21
C GLN D 70 -27.19 6.36 27.05
N TYR D 71 -26.67 7.57 26.96
CA TYR D 71 -25.48 7.97 27.71
C TYR D 71 -25.78 9.27 28.45
N SER D 72 -24.93 9.56 29.44
CA SER D 72 -25.12 10.75 30.26
C SER D 72 -23.78 11.16 30.86
N LEU D 73 -23.71 12.42 31.30
CA LEU D 73 -22.55 12.96 31.98
C LEU D 73 -23.00 13.69 33.24
N LYS D 74 -22.57 13.19 34.40
CA LYS D 74 -22.96 13.74 35.69
C LYS D 74 -21.83 14.61 36.22
N ILE D 75 -22.15 15.87 36.50
CA ILE D 75 -21.18 16.83 37.03
C ILE D 75 -21.62 17.21 38.44
N ASN D 76 -20.87 16.74 39.44
CA ASN D 76 -21.13 17.12 40.82
C ASN D 76 -19.83 17.43 41.57
N SER D 77 -19.68 18.68 42.00
CA SER D 77 -20.63 19.74 41.69
C SER D 77 -20.03 20.66 40.62
N LEU D 78 -20.75 21.71 40.27
CA LEU D 78 -20.25 22.66 39.27
C LEU D 78 -19.39 23.72 39.94
N GLN D 79 -18.33 24.12 39.25
CA GLN D 79 -17.42 25.16 39.71
C GLN D 79 -17.36 26.28 38.68
N SER D 80 -16.89 27.45 39.15
CA SER D 80 -16.88 28.64 38.31
C SER D 80 -15.94 28.52 37.12
N GLU D 81 -15.10 27.48 37.07
CA GLU D 81 -14.18 27.31 35.96
C GLU D 81 -14.74 26.39 34.88
N ASP D 82 -15.97 25.90 35.02
CA ASP D 82 -16.56 24.93 34.11
C ASP D 82 -17.38 25.56 33.00
N PHE D 83 -17.41 26.90 32.92
CA PHE D 83 -18.22 27.56 31.90
C PHE D 83 -17.72 27.21 30.50
N GLY D 84 -18.66 26.94 29.60
CA GLY D 84 -18.35 26.58 28.24
C GLY D 84 -19.45 25.70 27.66
N THR D 85 -19.09 24.94 26.63
CA THR D 85 -20.02 24.06 25.94
C THR D 85 -19.49 22.63 25.94
N TYR D 86 -20.39 21.69 25.67
CA TYR D 86 -20.07 20.27 25.65
C TYR D 86 -20.45 19.67 24.31
N TYR D 87 -19.70 18.63 23.91
CA TYR D 87 -19.94 17.91 22.68
C TYR D 87 -19.95 16.41 22.94
N CYS D 88 -20.19 15.61 21.91
CA CYS D 88 -20.16 14.16 22.05
C CYS D 88 -19.44 13.56 20.84
N GLN D 89 -18.97 12.32 21.02
CA GLN D 89 -18.08 11.69 20.05
C GLN D 89 -18.54 10.26 19.82
N GLN D 90 -18.39 9.79 18.59
CA GLN D 90 -18.76 8.42 18.21
C GLN D 90 -17.70 7.79 17.32
N PHE D 91 -17.16 6.66 17.78
CA PHE D 91 -16.10 5.93 17.09
C PHE D 91 -16.65 4.76 16.30
N TRP D 92 -17.98 4.60 16.29
CA TRP D 92 -18.62 3.44 15.69
C TRP D 92 -18.24 3.20 14.24
N ASP D 93 -18.34 4.20 13.36
CA ASP D 93 -17.95 4.02 11.98
C ASP D 93 -17.57 5.37 11.37
N THR D 94 -16.77 5.33 10.31
CA THR D 94 -16.37 6.53 9.59
C THR D 94 -17.40 6.87 8.50
N PRO D 95 -17.66 8.16 8.28
CA PRO D 95 -17.10 9.32 8.98
C PRO D 95 -17.72 9.57 10.34
N PHE D 96 -17.01 10.31 11.19
CA PHE D 96 -17.52 10.61 12.53
C PHE D 96 -18.38 11.87 12.49
N THR D 97 -19.58 11.76 13.07
CA THR D 97 -20.49 12.89 13.22
C THR D 97 -20.51 13.31 14.67
N PHE D 98 -20.12 14.55 14.94
CA PHE D 98 -19.97 15.03 16.31
C PHE D 98 -21.33 15.48 16.84
N GLY D 99 -21.34 16.10 18.02
CA GLY D 99 -22.57 16.55 18.65
C GLY D 99 -22.97 17.95 18.22
N SER D 100 -24.20 18.30 18.57
CA SER D 100 -24.75 19.62 18.24
C SER D 100 -24.25 20.71 19.17
N GLY D 101 -23.96 20.38 20.42
CA GLY D 101 -23.44 21.34 21.38
C GLY D 101 -24.53 21.86 22.31
N THR D 102 -24.12 22.17 23.54
CA THR D 102 -25.04 22.69 24.56
C THR D 102 -24.32 23.77 25.34
N LYS D 103 -24.98 24.91 25.53
CA LYS D 103 -24.38 26.05 26.22
C LYS D 103 -24.78 26.03 27.70
N LEU D 104 -23.85 26.43 28.56
CA LEU D 104 -24.08 26.47 29.99
C LEU D 104 -24.17 27.92 30.47
N ALA D 105 -24.98 28.15 31.50
CA ALA D 105 -25.14 29.45 32.12
C ALA D 105 -25.18 29.30 33.63
N ILE D 106 -25.32 30.43 34.32
CA ILE D 106 -25.36 30.46 35.78
C ILE D 106 -26.72 31.01 36.20
N LYS D 107 -27.44 30.26 37.03
CA LYS D 107 -28.72 30.72 37.53
C LYS D 107 -28.52 31.80 38.59
N ARG D 108 -29.36 32.83 38.52
CA ARG D 108 -29.33 33.93 39.47
C ARG D 108 -30.71 34.57 39.52
N ALA D 109 -30.81 35.70 40.21
CA ALA D 109 -32.07 36.42 40.27
C ALA D 109 -32.39 37.07 38.93
N ASP D 110 -33.67 37.10 38.59
CA ASP D 110 -34.11 37.69 37.34
C ASP D 110 -33.92 39.20 37.36
N ALA D 111 -33.71 39.77 36.17
CA ALA D 111 -33.50 41.20 36.03
C ALA D 111 -34.30 41.72 34.86
N ALA D 112 -34.91 42.89 35.02
CA ALA D 112 -35.70 43.50 33.97
C ALA D 112 -34.80 44.28 33.01
N PRO D 113 -34.88 44.01 31.71
CA PRO D 113 -34.00 44.71 30.77
C PRO D 113 -34.43 46.16 30.54
N THR D 114 -33.42 47.00 30.32
CA THR D 114 -33.65 48.39 29.92
C THR D 114 -33.74 48.46 28.41
N VAL D 115 -34.62 49.33 27.92
CA VAL D 115 -34.89 49.44 26.49
C VAL D 115 -34.99 50.91 26.11
N SER D 116 -34.42 51.25 24.96
CA SER D 116 -34.49 52.61 24.43
C SER D 116 -34.38 52.54 22.91
N ILE D 117 -34.96 53.53 22.25
CA ILE D 117 -34.92 53.65 20.80
C ILE D 117 -34.49 55.07 20.45
N PHE D 118 -33.59 55.20 19.47
CA PHE D 118 -32.99 56.48 19.16
C PHE D 118 -33.23 56.85 17.70
N PRO D 119 -33.46 58.13 17.40
CA PRO D 119 -33.61 58.55 16.01
C PRO D 119 -32.25 58.66 15.34
N PRO D 120 -32.19 58.54 14.01
CA PRO D 120 -30.92 58.67 13.30
C PRO D 120 -30.44 60.12 13.30
N SER D 121 -29.14 60.28 13.06
CA SER D 121 -28.52 61.59 13.04
C SER D 121 -28.80 62.28 11.71
N SER D 122 -28.29 63.51 11.57
CA SER D 122 -28.47 64.29 10.36
C SER D 122 -27.38 64.03 9.32
N GLU D 123 -26.29 63.36 9.70
CA GLU D 123 -25.23 63.06 8.74
C GLU D 123 -25.61 61.87 7.86
N GLN D 124 -26.34 60.90 8.41
CA GLN D 124 -26.80 59.77 7.62
C GLN D 124 -27.83 60.16 6.57
N LEU D 125 -28.64 61.19 6.83
CA LEU D 125 -29.68 61.60 5.90
C LEU D 125 -29.13 62.00 4.54
N THR D 126 -27.95 62.61 4.49
CA THR D 126 -27.34 63.00 3.22
C THR D 126 -26.43 61.93 2.64
N SER D 127 -26.17 60.85 3.37
CA SER D 127 -25.28 59.80 2.86
C SER D 127 -26.05 58.76 2.04
N GLY D 128 -27.38 58.80 2.11
CA GLY D 128 -28.20 57.89 1.34
C GLY D 128 -28.76 56.73 2.15
N GLY D 129 -28.11 56.41 3.28
CA GLY D 129 -28.58 55.39 4.17
C GLY D 129 -29.35 55.95 5.35
N ALA D 130 -30.15 55.09 5.96
CA ALA D 130 -30.89 55.43 7.17
C ALA D 130 -31.12 54.17 7.98
N SER D 131 -31.05 54.28 9.30
CA SER D 131 -31.21 53.12 10.17
C SER D 131 -31.76 53.58 11.52
N VAL D 132 -32.53 52.72 12.16
CA VAL D 132 -33.00 52.93 13.54
C VAL D 132 -32.63 51.71 14.36
N VAL D 133 -32.16 51.94 15.58
CA VAL D 133 -31.64 50.88 16.44
C VAL D 133 -32.40 50.88 17.75
N CYS D 134 -32.44 49.73 18.42
CA CYS D 134 -33.16 49.54 19.67
C CYS D 134 -32.21 48.84 20.64
N PHE D 135 -31.87 49.52 21.73
CA PHE D 135 -30.89 49.01 22.68
C PHE D 135 -31.55 48.23 23.81
N LEU D 136 -31.04 47.02 24.05
CA LEU D 136 -31.47 46.18 25.15
C LEU D 136 -30.23 45.66 25.88
N ASN D 137 -30.22 45.78 27.20
CA ASN D 137 -29.07 45.39 28.00
C ASN D 137 -29.54 44.92 29.38
N ASN D 138 -28.69 44.10 30.02
CA ASN D 138 -28.87 43.68 31.41
C ASN D 138 -30.21 42.96 31.61
N PHE D 139 -30.28 41.75 31.07
CA PHE D 139 -31.48 40.93 31.18
C PHE D 139 -31.11 39.50 31.55
N TYR D 140 -32.15 38.71 31.76
CA TYR D 140 -32.05 37.31 32.16
C TYR D 140 -33.49 36.80 32.36
N PRO D 141 -33.80 35.57 31.89
CA PRO D 141 -32.96 34.60 31.19
C PRO D 141 -32.79 34.86 29.70
N LYS D 142 -32.20 33.87 29.02
CA LYS D 142 -31.80 33.96 27.61
C LYS D 142 -32.96 34.18 26.65
N ASP D 143 -34.20 33.83 27.03
CA ASP D 143 -35.29 33.80 26.06
C ASP D 143 -36.00 35.16 26.01
N ILE D 144 -35.80 35.84 24.88
CA ILE D 144 -36.40 37.14 24.61
C ILE D 144 -36.36 37.36 23.10
N ASN D 145 -37.22 38.24 22.60
CA ASN D 145 -37.23 38.58 21.17
C ASN D 145 -37.57 40.06 21.01
N VAL D 146 -37.57 40.51 19.75
CA VAL D 146 -37.87 41.89 19.42
C VAL D 146 -38.51 41.93 18.03
N LYS D 147 -39.45 42.85 17.84
CA LYS D 147 -40.11 43.05 16.57
C LYS D 147 -40.27 44.54 16.32
N TRP D 148 -40.55 44.88 15.06
CA TRP D 148 -40.65 46.27 14.62
C TRP D 148 -42.01 46.50 13.98
N LYS D 149 -42.80 47.40 14.56
CA LYS D 149 -44.06 47.83 13.98
C LYS D 149 -43.94 49.30 13.59
N ILE D 150 -43.98 49.56 12.29
CA ILE D 150 -43.92 50.92 11.76
C ILE D 150 -45.34 51.30 11.38
N ASP D 151 -45.93 52.22 12.15
CA ASP D 151 -47.32 52.62 11.98
C ASP D 151 -48.26 51.41 12.03
N GLY D 152 -47.92 50.43 12.87
CA GLY D 152 -48.72 49.24 13.02
C GLY D 152 -48.54 48.18 11.96
N SER D 153 -47.34 48.04 11.41
CA SER D 153 -47.07 47.06 10.36
C SER D 153 -45.72 46.39 10.61
N GLU D 154 -45.68 45.07 10.51
CA GLU D 154 -44.45 44.32 10.72
C GLU D 154 -43.47 44.56 9.58
N ARG D 155 -42.18 44.59 9.92
CA ARG D 155 -41.10 44.71 8.93
C ARG D 155 -40.29 43.41 8.95
N GLN D 156 -40.44 42.61 7.90
CA GLN D 156 -39.66 41.40 7.69
C GLN D 156 -39.49 41.19 6.18
N ASN D 157 -38.31 40.76 5.74
CA ASN D 157 -37.15 40.56 6.59
C ASN D 157 -36.30 41.83 6.59
N GLY D 158 -35.07 41.75 7.08
CA GLY D 158 -34.20 42.91 7.15
C GLY D 158 -34.00 43.44 8.56
N VAL D 159 -34.46 42.69 9.55
CA VAL D 159 -34.22 43.00 10.96
C VAL D 159 -33.08 42.11 11.45
N LEU D 160 -31.95 42.74 11.75
CA LEU D 160 -30.76 42.02 12.21
C LEU D 160 -30.73 41.97 13.73
N ASN D 161 -30.27 40.85 14.27
CA ASN D 161 -30.20 40.65 15.71
C ASN D 161 -28.84 40.05 16.05
N SER D 162 -28.07 40.76 16.88
CA SER D 162 -26.78 40.30 17.36
C SER D 162 -26.87 39.98 18.84
N TRP D 163 -26.18 38.92 19.26
CA TRP D 163 -26.22 38.46 20.64
C TRP D 163 -24.82 38.52 21.25
N THR D 164 -24.77 38.62 22.57
CA THR D 164 -23.51 38.70 23.32
C THR D 164 -23.42 37.54 24.28
N ASP D 165 -22.22 37.02 24.47
CA ASP D 165 -21.99 35.87 25.33
C ASP D 165 -22.05 36.30 26.80
N GLN D 166 -21.72 35.38 27.71
CA GLN D 166 -21.83 35.64 29.13
C GLN D 166 -20.83 36.69 29.57
N ASP D 167 -21.29 37.66 30.37
CA ASP D 167 -20.43 38.70 30.90
C ASP D 167 -19.78 38.24 32.21
N SER D 168 -18.52 38.64 32.39
CA SER D 168 -17.74 38.19 33.54
C SER D 168 -18.06 38.92 34.84
N LYS D 169 -18.45 40.20 34.77
CA LYS D 169 -18.66 40.99 35.97
C LYS D 169 -20.03 40.78 36.61
N ASP D 170 -21.12 41.18 35.95
CA ASP D 170 -22.45 41.04 36.53
C ASP D 170 -23.20 39.80 36.06
N SER D 171 -22.62 38.99 35.17
CA SER D 171 -23.23 37.75 34.68
C SER D 171 -24.61 38.01 34.07
N THR D 172 -24.59 38.68 32.92
CA THR D 172 -25.78 39.00 32.16
C THR D 172 -25.46 38.94 30.67
N TYR D 173 -26.46 39.22 29.85
CA TYR D 173 -26.32 39.22 28.40
C TYR D 173 -26.67 40.60 27.84
N SER D 174 -26.52 40.73 26.53
CA SER D 174 -26.83 41.97 25.83
C SER D 174 -27.10 41.66 24.37
N MET D 175 -27.75 42.60 23.68
CA MET D 175 -28.06 42.42 22.28
C MET D 175 -28.11 43.79 21.60
N SER D 176 -28.36 43.77 20.29
CA SER D 176 -28.63 44.99 19.54
C SER D 176 -29.52 44.63 18.36
N SER D 177 -30.41 45.53 17.98
CA SER D 177 -31.32 45.32 16.87
C SER D 177 -31.38 46.58 16.01
N THR D 178 -30.99 46.45 14.75
CA THR D 178 -30.97 47.57 13.81
C THR D 178 -31.89 47.28 12.64
N LEU D 179 -32.77 48.22 12.35
CA LEU D 179 -33.72 48.10 11.25
C LEU D 179 -33.18 48.86 10.04
N THR D 180 -33.02 48.14 8.93
CA THR D 180 -32.53 48.72 7.69
C THR D 180 -33.72 49.24 6.89
N LEU D 181 -33.61 50.48 6.40
CA LEU D 181 -34.70 51.11 5.66
C LEU D 181 -34.11 52.12 4.69
N THR D 182 -34.84 52.35 3.60
CA THR D 182 -34.39 53.21 2.51
C THR D 182 -34.83 54.65 2.76
N LYS D 183 -34.56 55.52 1.77
CA LYS D 183 -34.90 56.93 1.91
C LYS D 183 -36.38 57.19 1.76
N ASP D 184 -37.05 56.46 0.87
CA ASP D 184 -38.47 56.68 0.63
C ASP D 184 -39.32 56.29 1.83
N GLU D 185 -38.92 55.23 2.54
CA GLU D 185 -39.70 54.77 3.68
C GLU D 185 -39.64 55.75 4.84
N TYR D 186 -38.49 56.42 5.04
CA TYR D 186 -38.32 57.32 6.16
C TYR D 186 -39.19 58.58 6.03
N GLU D 187 -39.47 59.01 4.80
CA GLU D 187 -40.19 60.26 4.61
C GLU D 187 -41.69 60.11 4.87
N ARG D 188 -42.29 59.02 4.39
CA ARG D 188 -43.73 58.84 4.52
C ARG D 188 -44.15 58.22 5.84
N HIS D 189 -43.20 57.79 6.67
CA HIS D 189 -43.50 57.18 7.96
C HIS D 189 -43.01 58.07 9.09
N ASN D 190 -43.69 58.00 10.22
CA ASN D 190 -43.39 58.85 11.37
C ASN D 190 -42.99 58.04 12.61
N SER D 191 -43.92 57.26 13.16
CA SER D 191 -43.71 56.52 14.39
C SER D 191 -42.79 55.33 14.14
N TYR D 192 -41.76 55.19 14.97
CA TYR D 192 -40.84 54.07 14.94
C TYR D 192 -40.83 53.43 16.31
N THR D 193 -41.27 52.18 16.39
CA THR D 193 -41.49 51.49 17.66
C THR D 193 -40.72 50.18 17.70
N CYS D 194 -40.14 49.89 18.86
CA CYS D 194 -39.56 48.58 19.14
C CYS D 194 -40.01 48.14 20.53
N GLU D 195 -40.24 46.84 20.66
CA GLU D 195 -40.81 46.27 21.88
C GLU D 195 -39.90 45.17 22.41
N ALA D 196 -39.84 45.04 23.73
CA ALA D 196 -39.06 44.01 24.40
C ALA D 196 -40.02 43.14 25.22
N THR D 197 -40.17 41.88 24.83
CA THR D 197 -41.07 40.95 25.50
C THR D 197 -40.23 40.05 26.40
N HIS D 198 -40.37 40.22 27.71
CA HIS D 198 -39.60 39.48 28.69
C HIS D 198 -40.52 38.78 29.67
N LYS D 199 -40.06 37.65 30.20
CA LYS D 199 -40.86 36.80 31.07
C LYS D 199 -41.22 37.46 32.39
N THR D 200 -40.48 38.47 32.83
CA THR D 200 -40.75 39.17 34.08
C THR D 200 -41.72 40.32 33.92
N SER D 201 -42.22 40.56 32.71
CA SER D 201 -43.18 41.62 32.46
C SER D 201 -44.40 41.04 31.76
N THR D 202 -45.58 41.31 32.31
CA THR D 202 -46.83 40.81 31.77
C THR D 202 -47.24 41.51 30.48
N SER D 203 -46.58 42.61 30.11
CA SER D 203 -46.89 43.34 28.90
C SER D 203 -45.59 43.80 28.27
N PRO D 204 -45.51 43.82 26.93
CA PRO D 204 -44.28 44.30 26.28
C PRO D 204 -44.03 45.77 26.59
N ILE D 205 -42.80 46.07 26.97
CA ILE D 205 -42.39 47.44 27.26
C ILE D 205 -42.15 48.15 25.92
N VAL D 206 -42.76 49.31 25.74
CA VAL D 206 -42.75 50.01 24.46
C VAL D 206 -42.04 51.36 24.63
N LYS D 207 -41.07 51.62 23.76
CA LYS D 207 -40.43 52.93 23.65
C LYS D 207 -40.71 53.50 22.26
N SER D 208 -41.17 54.75 22.23
CA SER D 208 -41.60 55.37 20.98
C SER D 208 -41.19 56.83 20.97
N PHE D 209 -41.16 57.40 19.76
CA PHE D 209 -40.91 58.82 19.58
C PHE D 209 -41.54 59.23 18.25
N ASN D 210 -41.45 60.53 17.94
CA ASN D 210 -42.00 61.07 16.70
C ASN D 210 -40.99 62.02 16.08
N ARG D 211 -41.19 62.28 14.78
CA ARG D 211 -40.29 63.19 14.07
C ARG D 211 -40.62 64.64 14.37
N ASN D 212 -41.91 64.97 14.43
CA ASN D 212 -42.34 66.35 14.66
C ASN D 212 -42.41 66.71 16.15
N GLU D 213 -42.11 65.78 17.04
CA GLU D 213 -42.13 66.06 18.47
C GLU D 213 -40.72 66.05 19.05
N GLU E 1 6.09 17.48 26.87
CA GLU E 1 4.93 18.30 26.60
C GLU E 1 4.62 18.31 25.10
N VAL E 2 3.41 17.90 24.75
CA VAL E 2 3.00 17.84 23.36
C VAL E 2 2.44 19.19 22.94
N GLN E 3 2.99 19.76 21.86
CA GLN E 3 2.56 21.05 21.36
C GLN E 3 2.47 20.99 19.84
N LEU E 4 1.34 21.45 19.30
CA LEU E 4 1.11 21.52 17.86
C LEU E 4 0.87 22.98 17.49
N GLN E 5 1.76 23.55 16.69
CA GLN E 5 1.67 24.94 16.27
C GLN E 5 1.17 25.02 14.84
N GLN E 6 0.15 25.86 14.63
CA GLN E 6 -0.44 26.06 13.31
C GLN E 6 0.12 27.32 12.67
N SER E 7 -0.34 27.59 11.44
CA SER E 7 0.03 28.79 10.72
C SER E 7 -0.99 29.89 10.99
N GLY E 8 -0.88 31.00 10.26
CA GLY E 8 -1.83 32.08 10.38
C GLY E 8 -2.93 32.02 9.35
N PRO E 9 -4.03 32.73 9.59
CA PRO E 9 -5.11 32.77 8.61
C PRO E 9 -4.67 33.45 7.32
N GLU E 10 -5.38 33.12 6.25
CA GLU E 10 -5.08 33.63 4.92
C GLU E 10 -6.37 34.09 4.24
N LEU E 11 -6.22 34.93 3.23
CA LEU E 11 -7.32 35.42 2.42
C LEU E 11 -7.26 34.73 1.06
N VAL E 12 -8.30 33.97 0.72
CA VAL E 12 -8.33 33.15 -0.48
C VAL E 12 -9.45 33.65 -1.38
N LYS E 13 -9.15 33.79 -2.67
CA LYS E 13 -10.18 34.10 -3.65
C LYS E 13 -11.04 32.87 -3.88
N PRO E 14 -12.37 33.00 -3.90
CA PRO E 14 -13.22 31.83 -4.20
C PRO E 14 -12.86 31.20 -5.55
N GLY E 15 -12.69 29.89 -5.53
CA GLY E 15 -12.24 29.15 -6.70
C GLY E 15 -10.78 28.75 -6.68
N ALA E 16 -9.96 29.36 -5.82
CA ALA E 16 -8.55 29.04 -5.74
C ALA E 16 -8.35 27.96 -4.68
N SER E 17 -7.09 27.67 -4.33
CA SER E 17 -6.76 26.66 -3.33
C SER E 17 -6.15 27.34 -2.11
N VAL E 18 -5.79 26.53 -1.12
CA VAL E 18 -5.20 27.03 0.12
C VAL E 18 -4.25 25.97 0.66
N LYS E 19 -3.19 26.43 1.32
CA LYS E 19 -2.17 25.55 1.89
C LYS E 19 -2.23 25.68 3.41
N MET E 20 -2.59 24.59 4.08
CA MET E 20 -2.69 24.54 5.53
C MET E 20 -1.71 23.50 6.07
N SER E 21 -0.79 23.96 6.93
CA SER E 21 0.22 23.09 7.51
C SER E 21 0.46 23.50 8.95
N CYS E 22 0.62 22.49 9.81
CA CYS E 22 0.88 22.71 11.22
C CYS E 22 1.93 21.70 11.69
N LYS E 23 3.00 22.21 12.29
CA LYS E 23 4.09 21.35 12.74
C LYS E 23 3.74 20.68 14.07
N THR E 24 4.37 19.53 14.31
CA THR E 24 4.15 18.76 15.51
C THR E 24 5.45 18.67 16.31
N SER E 25 5.32 18.63 17.64
CA SER E 25 6.49 18.55 18.51
C SER E 25 6.06 17.94 19.83
N GLY E 26 7.04 17.43 20.58
CA GLY E 26 6.82 16.84 21.88
C GLY E 26 6.58 15.35 21.89
N TYR E 27 6.60 14.69 20.73
CA TYR E 27 6.36 13.25 20.65
C TYR E 27 6.94 12.76 19.33
N THR E 28 6.73 11.47 19.06
CA THR E 28 7.20 10.85 17.83
C THR E 28 6.09 10.83 16.78
N PHE E 29 6.37 11.40 15.61
CA PHE E 29 5.33 11.66 14.63
C PHE E 29 4.82 10.39 13.94
N THR E 30 5.71 9.60 13.36
CA THR E 30 5.33 8.55 12.42
C THR E 30 4.58 7.39 13.06
N GLU E 31 4.74 7.17 14.37
CA GLU E 31 4.06 6.07 15.05
C GLU E 31 2.57 6.37 15.28
N ASN E 32 2.21 7.65 15.37
CA ASN E 32 0.82 8.02 15.58
C ASN E 32 0.22 8.56 14.28
N THR E 33 -1.04 8.97 14.37
CA THR E 33 -1.78 9.45 13.21
C THR E 33 -2.16 10.92 13.40
N MET E 34 -2.87 11.45 12.41
CA MET E 34 -3.25 12.85 12.35
C MET E 34 -4.71 12.95 11.92
N HIS E 35 -5.40 13.99 12.40
CA HIS E 35 -6.80 14.21 12.09
C HIS E 35 -7.08 15.69 11.90
N TRP E 36 -8.24 15.98 11.31
CA TRP E 36 -8.66 17.35 11.02
C TRP E 36 -10.14 17.48 11.34
N VAL E 37 -10.53 18.64 11.88
CA VAL E 37 -11.91 18.90 12.29
C VAL E 37 -12.27 20.31 11.84
N ARG E 38 -13.44 20.45 11.21
CA ARG E 38 -13.94 21.74 10.74
C ARG E 38 -15.08 22.20 11.64
N GLN E 39 -15.00 23.44 12.11
CA GLN E 39 -16.06 24.04 12.93
C GLN E 39 -16.82 25.04 12.08
N SER E 40 -18.03 24.66 11.68
CA SER E 40 -18.90 25.53 10.88
C SER E 40 -19.66 26.49 11.78
N HIS E 41 -20.06 27.62 11.20
CA HIS E 41 -20.84 28.63 11.89
C HIS E 41 -22.32 28.25 11.95
N GLY E 42 -23.01 28.66 13.02
CA GLY E 42 -22.39 29.33 14.15
C GLY E 42 -21.66 28.41 15.10
N LYS E 43 -22.31 27.34 15.54
CA LYS E 43 -21.70 26.32 16.38
C LYS E 43 -22.01 24.95 15.78
N SER E 44 -20.98 24.29 15.23
CA SER E 44 -21.07 22.90 14.85
C SER E 44 -19.65 22.37 14.69
N LEU E 45 -19.51 21.05 14.77
CA LEU E 45 -18.22 20.39 14.58
C LEU E 45 -18.40 19.24 13.62
N GLU E 46 -17.40 19.00 12.78
CA GLU E 46 -17.44 17.97 11.75
C GLU E 46 -16.03 17.43 11.53
N TRP E 47 -15.93 16.13 11.26
CA TRP E 47 -14.64 15.46 11.14
C TRP E 47 -14.22 15.44 9.68
N ILE E 48 -13.16 16.18 9.35
CA ILE E 48 -12.73 16.29 7.96
C ILE E 48 -12.14 14.99 7.47
N GLY E 49 -11.15 14.46 8.19
CA GLY E 49 -10.48 13.26 7.76
C GLY E 49 -9.27 12.97 8.63
N GLY E 50 -8.50 11.97 8.21
CA GLY E 50 -7.32 11.57 8.95
C GLY E 50 -6.28 10.95 8.04
N ILE E 51 -5.05 10.97 8.51
CA ILE E 51 -3.91 10.40 7.78
C ILE E 51 -3.00 9.69 8.77
N TYR E 52 -2.63 8.45 8.44
CA TYR E 52 -1.68 7.68 9.23
C TYR E 52 -0.47 7.40 8.35
N PRO E 53 0.72 8.07 8.63
CA PRO E 53 1.82 8.10 7.65
C PRO E 53 2.75 6.89 7.73
N LYS E 54 2.16 5.70 7.75
CA LYS E 54 2.95 4.48 7.58
C LYS E 54 2.89 3.89 6.17
N ASN E 55 2.06 4.41 5.28
CA ASN E 55 1.84 3.74 3.99
C ASN E 55 2.01 4.67 2.77
N ASP E 56 1.22 5.74 2.59
CA ASP E 56 0.31 6.31 3.59
C ASP E 56 -1.15 6.04 3.22
N ASP E 57 -1.97 5.76 4.23
CA ASP E 57 -3.38 5.49 4.05
C ASP E 57 -4.21 6.56 4.74
N THR E 58 -5.41 6.79 4.20
CA THR E 58 -6.27 7.85 4.70
C THR E 58 -7.73 7.49 4.47
N LYS E 59 -8.61 8.20 5.18
CA LYS E 59 -10.05 8.08 5.01
C LYS E 59 -10.67 9.45 5.19
N TYR E 60 -11.70 9.76 4.39
CA TYR E 60 -12.31 11.07 4.36
C TYR E 60 -13.82 10.95 4.52
N ASN E 61 -14.45 12.09 4.80
CA ASN E 61 -15.90 12.15 4.83
C ASN E 61 -16.44 12.07 3.40
N GLN E 62 -17.69 11.60 3.27
CA GLN E 62 -18.28 11.38 1.97
C GLN E 62 -18.39 12.67 1.16
N LYS E 63 -18.65 13.80 1.83
CA LYS E 63 -18.77 15.08 1.15
C LYS E 63 -17.43 15.71 0.80
N PHE E 64 -16.36 15.38 1.52
CA PHE E 64 -15.04 15.95 1.30
C PHE E 64 -14.18 15.11 0.37
N LYS E 65 -14.77 14.05 -0.21
CA LYS E 65 -14.02 13.17 -1.11
C LYS E 65 -13.43 13.96 -2.29
N GLY E 66 -14.18 14.93 -2.80
CA GLY E 66 -13.74 15.67 -3.97
C GLY E 66 -13.19 17.06 -3.66
N LYS E 67 -12.85 17.32 -2.41
CA LYS E 67 -12.30 18.61 -2.01
C LYS E 67 -11.00 18.50 -1.22
N ALA E 68 -11.05 17.94 -0.02
CA ALA E 68 -9.90 17.88 0.87
C ALA E 68 -8.85 16.92 0.35
N THR E 69 -7.59 17.35 0.45
CA THR E 69 -6.44 16.53 0.08
C THR E 69 -5.37 16.69 1.15
N LEU E 70 -4.90 15.56 1.68
CA LEU E 70 -3.97 15.56 2.80
C LEU E 70 -2.63 14.98 2.37
N THR E 71 -1.55 15.55 2.92
CA THR E 71 -0.20 15.04 2.71
C THR E 71 0.61 15.35 3.97
N VAL E 72 1.67 14.56 4.17
CA VAL E 72 2.48 14.67 5.38
C VAL E 72 3.95 14.74 4.99
N ASP E 73 4.74 15.35 5.87
CA ASP E 73 6.20 15.43 5.73
C ASP E 73 6.79 14.96 7.07
N LYS E 74 7.50 13.83 7.03
CA LYS E 74 8.06 13.26 8.25
C LYS E 74 9.45 13.82 8.55
N SER E 75 10.04 14.58 7.64
CA SER E 75 11.35 15.16 7.90
C SER E 75 11.26 16.31 8.90
N SER E 76 10.32 17.22 8.69
CA SER E 76 10.10 18.36 9.59
C SER E 76 9.03 18.07 10.63
N SER E 77 8.47 16.86 10.64
CA SER E 77 7.44 16.46 11.61
C SER E 77 6.23 17.39 11.56
N THR E 78 5.68 17.58 10.36
CA THR E 78 4.52 18.44 10.17
C THR E 78 3.46 17.69 9.40
N ALA E 79 2.23 18.21 9.46
CA ALA E 79 1.09 17.66 8.74
C ALA E 79 0.44 18.75 7.90
N CYS E 80 0.14 18.42 6.65
CA CYS E 80 -0.39 19.37 5.70
C CYS E 80 -1.80 18.97 5.27
N MET E 81 -2.59 19.98 4.89
CA MET E 81 -3.94 19.78 4.38
C MET E 81 -4.20 20.77 3.26
N GLU E 82 -4.81 20.30 2.18
CA GLU E 82 -5.10 21.11 1.02
C GLU E 82 -6.61 21.13 0.78
N LEU E 83 -7.15 22.31 0.48
CA LEU E 83 -8.57 22.46 0.17
C LEU E 83 -8.69 23.27 -1.11
N ARG E 84 -9.52 22.79 -2.04
CA ARG E 84 -9.70 23.42 -3.34
C ARG E 84 -11.18 23.73 -3.56
N SER E 85 -11.43 24.60 -4.55
CA SER E 85 -12.78 25.02 -4.92
C SER E 85 -13.54 25.59 -3.73
N LEU E 86 -12.93 26.58 -3.08
CA LEU E 86 -13.54 27.21 -1.93
C LEU E 86 -14.77 28.03 -2.35
N THR E 87 -15.81 27.96 -1.53
CA THR E 87 -17.05 28.68 -1.78
C THR E 87 -17.31 29.67 -0.64
N SER E 88 -18.45 30.34 -0.69
CA SER E 88 -18.76 31.37 0.29
C SER E 88 -18.98 30.78 1.69
N GLU E 89 -19.53 29.57 1.77
CA GLU E 89 -19.83 28.94 3.05
C GLU E 89 -18.67 28.09 3.57
N ASP E 90 -17.53 28.09 2.90
CA ASP E 90 -16.39 27.28 3.29
C ASP E 90 -15.51 27.95 4.34
N SER E 91 -15.88 29.14 4.80
CA SER E 91 -15.13 29.83 5.85
C SER E 91 -15.45 29.15 7.18
N ALA E 92 -14.42 28.66 7.86
CA ALA E 92 -14.60 27.92 9.11
C ALA E 92 -13.27 27.87 9.85
N VAL E 93 -13.26 27.12 10.95
CA VAL E 93 -12.09 26.97 11.81
C VAL E 93 -11.60 25.54 11.73
N TYR E 94 -10.28 25.37 11.58
CA TYR E 94 -9.66 24.06 11.46
C TYR E 94 -8.78 23.81 12.68
N TYR E 95 -8.63 22.53 13.02
CA TYR E 95 -7.86 22.11 14.18
C TYR E 95 -6.83 21.07 13.76
N CYS E 96 -5.71 21.04 14.48
CA CYS E 96 -4.64 20.05 14.29
C CYS E 96 -4.57 19.19 15.54
N ALA E 97 -4.94 17.91 15.42
CA ALA E 97 -4.99 17.01 16.55
C ALA E 97 -4.33 15.69 16.21
N ARG E 98 -3.65 15.09 17.20
CA ARG E 98 -2.95 13.82 17.06
C ARG E 98 -3.83 12.69 17.60
N GLY E 99 -3.90 11.59 16.86
CA GLY E 99 -4.76 10.48 17.22
C GLY E 99 -4.09 9.48 18.13
N ASP E 100 -4.57 8.24 18.05
CA ASP E 100 -4.09 7.16 18.90
C ASP E 100 -2.87 6.49 18.27
N TYR E 101 -2.46 5.37 18.85
CA TYR E 101 -1.28 4.64 18.41
C TYR E 101 -1.72 3.55 17.42
N GLU E 102 -1.39 3.76 16.14
CA GLU E 102 -1.92 3.03 14.99
C GLU E 102 -3.43 2.80 15.11
N ASN E 103 -4.17 3.79 15.60
CA ASN E 103 -5.61 3.69 15.78
C ASN E 103 -6.24 5.06 15.59
N TYR E 104 -7.45 5.08 15.02
CA TYR E 104 -8.20 6.33 14.89
C TYR E 104 -9.19 6.53 16.03
N PHE E 105 -9.31 5.56 16.94
CA PHE E 105 -10.20 5.64 18.09
C PHE E 105 -9.42 6.25 19.25
N TYR E 106 -9.93 6.14 20.48
CA TYR E 106 -9.26 6.68 21.65
C TYR E 106 -9.13 8.19 21.54
N ALA E 107 -10.21 8.89 21.86
CA ALA E 107 -10.41 10.31 21.54
C ALA E 107 -9.20 11.18 21.87
N MET E 108 -8.91 12.11 20.98
CA MET E 108 -7.64 12.84 20.98
C MET E 108 -7.57 13.80 22.16
N ASP E 109 -6.43 13.79 22.85
CA ASP E 109 -6.25 14.62 24.04
C ASP E 109 -6.01 16.08 23.68
N TYR E 110 -5.15 16.34 22.69
CA TYR E 110 -4.72 17.69 22.37
C TYR E 110 -5.23 18.09 21.00
N TRP E 111 -5.38 19.40 20.79
CA TRP E 111 -5.96 19.95 19.58
C TRP E 111 -5.08 21.10 19.06
N GLY E 112 -5.51 21.70 17.96
CA GLY E 112 -4.73 22.70 17.27
C GLY E 112 -4.93 24.10 17.82
N GLN E 113 -4.33 25.06 17.11
CA GLN E 113 -4.41 26.46 17.54
C GLN E 113 -5.72 27.10 17.13
N GLY E 114 -6.43 26.51 16.18
CA GLY E 114 -7.70 27.06 15.75
C GLY E 114 -7.61 28.04 14.60
N THR E 115 -6.54 27.92 13.79
CA THR E 115 -6.35 28.79 12.64
C THR E 115 -7.53 28.64 11.68
N SER E 116 -8.14 29.76 11.32
CA SER E 116 -9.29 29.75 10.43
C SER E 116 -8.88 30.22 9.03
N VAL E 117 -9.86 30.24 8.13
CA VAL E 117 -9.65 30.68 6.76
C VAL E 117 -10.74 31.70 6.41
N THR E 118 -10.37 32.66 5.56
CA THR E 118 -11.28 33.71 5.11
C THR E 118 -11.30 33.70 3.59
N VAL E 119 -12.46 33.40 3.01
CA VAL E 119 -12.64 33.36 1.57
C VAL E 119 -13.84 34.23 1.22
N SER E 120 -13.61 35.27 0.44
CA SER E 120 -14.67 36.17 0.02
C SER E 120 -14.23 36.91 -1.24
N SER E 121 -15.22 37.44 -1.97
CA SER E 121 -14.97 38.22 -3.18
C SER E 121 -14.96 39.72 -2.92
N ALA E 122 -15.15 40.13 -1.67
CA ALA E 122 -15.22 41.55 -1.33
C ALA E 122 -13.87 42.04 -0.82
N LYS E 123 -13.52 43.27 -1.18
CA LYS E 123 -12.27 43.88 -0.76
C LYS E 123 -12.47 44.64 0.56
N THR E 124 -11.38 45.24 1.03
CA THR E 124 -11.41 45.97 2.29
C THR E 124 -12.03 47.35 2.10
N THR E 125 -12.90 47.73 3.03
CA THR E 125 -13.56 49.02 3.00
C THR E 125 -13.38 49.72 4.33
N PRO E 126 -13.23 51.06 4.33
CA PRO E 126 -13.07 51.77 5.59
C PRO E 126 -14.38 51.81 6.35
N PRO E 127 -14.34 51.69 7.67
CA PRO E 127 -15.58 51.68 8.46
C PRO E 127 -16.26 53.05 8.45
N SER E 128 -17.59 53.02 8.34
CA SER E 128 -18.41 54.23 8.36
C SER E 128 -19.27 54.19 9.62
N VAL E 129 -18.99 55.08 10.55
CA VAL E 129 -19.69 55.14 11.83
C VAL E 129 -20.32 56.52 11.97
N TYR E 130 -21.47 56.58 12.62
CA TYR E 130 -22.22 57.82 12.78
C TYR E 130 -22.67 57.97 14.23
N PRO E 131 -22.71 59.21 14.74
CA PRO E 131 -23.14 59.43 16.11
C PRO E 131 -24.64 59.26 16.28
N LEU E 132 -25.02 58.64 17.40
CA LEU E 132 -26.42 58.49 17.77
C LEU E 132 -26.59 58.97 19.21
N ALA E 133 -27.37 60.04 19.39
CA ALA E 133 -27.56 60.64 20.70
C ALA E 133 -28.98 61.17 20.82
N PRO E 134 -29.51 61.31 22.05
CA PRO E 134 -30.82 61.94 22.26
C PRO E 134 -30.82 63.40 21.82
N GLY E 135 -31.97 63.95 21.47
CA GLY E 135 -33.24 63.25 21.57
C GLY E 135 -34.43 64.16 21.33
N CYS E 136 -35.58 63.79 21.91
CA CYS E 136 -36.81 64.54 21.73
C CYS E 136 -36.92 65.66 22.77
N GLY E 137 -35.85 65.81 23.55
CA GLY E 137 -35.75 66.82 24.57
C GLY E 137 -35.82 66.30 26.00
N ASP E 138 -36.13 65.03 26.18
CA ASP E 138 -36.16 64.44 27.51
C ASP E 138 -35.39 63.12 27.49
N THR E 139 -34.85 62.77 28.66
CA THR E 139 -34.07 61.55 28.82
C THR E 139 -34.69 60.69 29.92
N THR E 140 -35.19 59.53 29.52
CA THR E 140 -35.80 58.58 30.47
C THR E 140 -35.20 57.20 30.30
N GLY E 141 -34.89 56.53 31.41
CA GLY E 141 -35.12 57.07 32.74
C GLY E 141 -33.90 57.73 33.34
N SER E 142 -33.78 57.63 34.67
CA SER E 142 -32.64 58.20 35.37
C SER E 142 -31.30 57.65 34.87
N SER E 143 -31.29 56.46 34.28
CA SER E 143 -30.09 55.90 33.67
C SER E 143 -30.29 55.83 32.18
N VAL E 144 -29.55 56.66 31.45
CA VAL E 144 -29.66 56.75 30.00
C VAL E 144 -28.45 56.07 29.36
N THR E 145 -28.68 55.43 28.23
CA THR E 145 -27.64 54.73 27.50
C THR E 145 -27.35 55.42 26.17
N LEU E 146 -26.12 55.28 25.70
CA LEU E 146 -25.69 55.83 24.42
C LEU E 146 -25.15 54.69 23.55
N GLY E 147 -24.72 55.04 22.35
CA GLY E 147 -24.17 54.05 21.44
C GLY E 147 -23.87 54.67 20.09
N CYS E 148 -23.06 53.94 19.32
CA CYS E 148 -22.68 54.34 17.97
C CYS E 148 -22.63 53.11 17.08
N LEU E 149 -23.25 53.23 15.90
CA LEU E 149 -23.39 52.12 14.97
C LEU E 149 -22.21 52.08 14.00
N VAL E 150 -21.45 50.99 14.04
CA VAL E 150 -20.30 50.78 13.16
C VAL E 150 -20.75 49.83 12.06
N LYS E 151 -20.78 50.34 10.82
CA LYS E 151 -21.22 49.54 9.69
C LYS E 151 -20.32 49.82 8.49
N GLY E 152 -20.37 48.93 7.52
CA GLY E 152 -19.57 49.08 6.32
C GLY E 152 -18.08 48.90 6.51
N TYR E 153 -17.65 47.83 7.15
CA TYR E 153 -16.24 47.59 7.43
C TYR E 153 -15.85 46.16 7.08
N PHE E 154 -14.66 46.02 6.52
CA PHE E 154 -14.11 44.70 6.20
C PHE E 154 -12.60 44.70 6.44
N PRO E 155 -12.06 43.58 6.95
CA PRO E 155 -12.77 42.43 7.51
C PRO E 155 -12.99 42.53 9.01
N GLU E 156 -13.58 41.50 9.59
CA GLU E 156 -13.70 41.35 11.04
C GLU E 156 -12.30 41.22 11.64
N SER E 157 -11.98 42.01 12.66
CA SER E 157 -12.91 42.94 13.30
C SER E 157 -12.34 44.36 13.36
N VAL E 158 -13.08 45.25 14.03
CA VAL E 158 -12.63 46.61 14.29
C VAL E 158 -12.57 46.83 15.79
N THR E 159 -11.69 47.73 16.21
CA THR E 159 -11.51 48.06 17.62
C THR E 159 -12.18 49.39 17.92
N VAL E 160 -13.05 49.40 18.93
CA VAL E 160 -13.79 50.60 19.31
C VAL E 160 -13.43 50.96 20.75
N THR E 161 -13.33 52.27 21.01
CA THR E 161 -13.03 52.78 22.33
C THR E 161 -14.09 53.80 22.72
N TRP E 162 -14.13 54.12 24.01
CA TRP E 162 -15.12 55.06 24.55
C TRP E 162 -14.39 56.09 25.40
N ASN E 163 -14.45 57.36 25.00
CA ASN E 163 -13.85 58.47 25.74
C ASN E 163 -12.36 58.24 25.98
N SER E 164 -11.67 57.78 24.94
CA SER E 164 -10.23 57.52 25.01
C SER E 164 -9.89 56.51 26.11
N GLY E 165 -10.80 55.57 26.36
CA GLY E 165 -10.61 54.56 27.37
C GLY E 165 -10.68 55.04 28.80
N SER E 166 -11.39 56.14 29.06
CA SER E 166 -11.48 56.64 30.43
C SER E 166 -12.46 55.82 31.26
N LEU E 167 -13.61 55.47 30.68
CA LEU E 167 -14.62 54.66 31.37
C LEU E 167 -14.63 53.28 30.72
N SER E 168 -14.11 52.29 31.45
CA SER E 168 -14.11 50.91 30.97
C SER E 168 -15.24 50.08 31.57
N SER E 169 -16.07 50.65 32.44
CA SER E 169 -17.08 49.89 33.17
C SER E 169 -18.29 49.51 32.34
N SER E 170 -18.90 50.45 31.62
CA SER E 170 -20.19 50.24 30.99
C SER E 170 -20.04 49.83 29.52
N VAL E 171 -18.80 49.67 29.07
CA VAL E 171 -18.53 49.35 27.67
C VAL E 171 -19.03 47.95 27.36
N HIS E 172 -19.76 47.80 26.26
CA HIS E 172 -20.31 46.52 25.82
C HIS E 172 -19.88 46.31 24.37
N THR E 173 -19.40 45.12 24.06
CA THR E 173 -18.95 44.78 22.71
C THR E 173 -19.93 43.82 22.07
N PHE E 174 -20.58 44.28 20.97
CA PHE E 174 -21.57 43.50 20.24
C PHE E 174 -20.99 42.92 18.96
N PRO E 175 -21.10 41.60 18.76
CA PRO E 175 -20.65 41.00 17.50
C PRO E 175 -21.43 41.48 16.29
N ALA E 176 -21.08 41.00 15.11
CA ALA E 176 -21.71 41.42 13.86
C ALA E 176 -22.38 40.22 13.20
N LEU E 177 -23.03 40.49 12.06
CA LEU E 177 -23.70 39.48 11.25
C LEU E 177 -23.14 39.55 9.83
N LEU E 178 -23.67 38.69 8.96
CA LEU E 178 -23.26 38.62 7.57
C LEU E 178 -24.45 38.91 6.67
N GLN E 179 -24.42 40.06 6.00
CA GLN E 179 -25.43 40.39 5.00
C GLN E 179 -24.81 41.30 3.95
N SER E 180 -25.19 41.10 2.70
CA SER E 180 -24.73 41.92 1.57
C SER E 180 -23.20 41.98 1.49
N GLY E 181 -22.53 40.93 1.97
CA GLY E 181 -21.08 40.87 1.95
C GLY E 181 -20.37 41.81 2.88
N LEU E 182 -21.10 42.56 3.71
CA LEU E 182 -20.51 43.51 4.65
C LEU E 182 -20.81 43.08 6.08
N TYR E 183 -20.29 43.87 7.02
CA TYR E 183 -20.44 43.60 8.45
C TYR E 183 -21.00 44.83 9.15
N THR E 184 -21.91 44.61 10.10
CA THR E 184 -22.51 45.68 10.88
C THR E 184 -22.52 45.28 12.35
N MET E 185 -21.90 46.12 13.19
CA MET E 185 -21.87 45.88 14.63
C MET E 185 -22.27 47.18 15.34
N SER E 186 -22.22 47.15 16.67
CA SER E 186 -22.57 48.31 17.47
C SER E 186 -21.97 48.13 18.86
N SER E 187 -22.21 49.12 19.72
CA SER E 187 -21.77 49.09 21.11
C SER E 187 -22.70 49.95 21.93
N SER E 188 -22.77 49.65 23.23
CA SER E 188 -23.67 50.36 24.13
C SER E 188 -22.97 50.65 25.45
N VAL E 189 -23.14 51.89 25.94
CA VAL E 189 -22.63 52.30 27.23
C VAL E 189 -23.75 53.02 27.98
N THR E 190 -23.68 52.96 29.31
CA THR E 190 -24.70 53.55 30.18
C THR E 190 -24.05 54.62 31.04
N VAL E 191 -24.63 55.81 31.04
CA VAL E 191 -24.14 56.93 31.84
C VAL E 191 -25.29 57.52 32.64
N PRO E 192 -25.03 58.03 33.85
CA PRO E 192 -26.11 58.65 34.62
C PRO E 192 -26.64 59.91 33.95
N SER E 193 -27.91 60.21 34.23
CA SER E 193 -28.55 61.39 33.65
C SER E 193 -28.12 62.69 34.34
N SER E 194 -27.46 62.61 35.50
CA SER E 194 -27.01 63.81 36.19
C SER E 194 -25.89 64.52 35.45
N THR E 195 -24.96 63.79 34.84
CA THR E 195 -23.87 64.39 34.10
C THR E 195 -24.21 64.68 32.64
N TRP E 196 -25.34 64.18 32.14
CA TRP E 196 -25.75 64.44 30.77
C TRP E 196 -26.69 65.65 30.69
N PRO E 197 -26.51 66.51 29.67
CA PRO E 197 -25.35 66.51 28.77
C PRO E 197 -24.26 67.50 29.21
N SER E 198 -23.79 67.40 30.44
CA SER E 198 -22.75 68.31 30.91
C SER E 198 -21.36 67.87 30.48
N GLN E 199 -21.06 66.58 30.55
CA GLN E 199 -19.75 66.05 30.22
C GLN E 199 -19.71 65.59 28.78
N THR E 200 -18.56 65.81 28.13
CA THR E 200 -18.39 65.42 26.74
C THR E 200 -18.32 63.89 26.62
N VAL E 201 -18.67 63.39 25.44
CA VAL E 201 -18.63 61.96 25.14
C VAL E 201 -18.37 61.81 23.64
N THR E 202 -17.69 60.72 23.26
CA THR E 202 -17.31 60.49 21.88
C THR E 202 -17.22 58.99 21.59
N CYS E 203 -17.24 58.67 20.30
CA CYS E 203 -17.11 57.31 19.80
C CYS E 203 -15.92 57.24 18.86
N SER E 204 -14.90 56.46 19.24
CA SER E 204 -13.69 56.31 18.44
C SER E 204 -13.54 54.85 18.03
N VAL E 205 -13.26 54.63 16.75
CA VAL E 205 -13.09 53.29 16.20
C VAL E 205 -11.81 53.26 15.38
N ALA E 206 -11.12 52.13 15.40
CA ALA E 206 -9.88 51.94 14.68
C ALA E 206 -9.91 50.62 13.91
N HIS E 207 -9.56 50.68 12.63
CA HIS E 207 -9.55 49.50 11.77
C HIS E 207 -8.11 49.13 11.45
N PRO E 208 -7.59 48.03 12.01
CA PRO E 208 -6.18 47.69 11.80
C PRO E 208 -5.83 47.34 10.36
N ALA E 209 -6.75 46.72 9.61
CA ALA E 209 -6.43 46.29 8.25
C ALA E 209 -6.17 47.44 7.30
N SER E 210 -7.07 48.42 7.22
CA SER E 210 -6.91 49.56 6.33
C SER E 210 -6.25 50.75 7.00
N SER E 211 -5.94 50.68 8.30
CA SER E 211 -5.30 51.75 9.04
C SER E 211 -6.09 53.06 8.92
N THR E 212 -7.38 52.98 9.22
CA THR E 212 -8.29 54.11 9.15
C THR E 212 -8.96 54.30 10.50
N THR E 213 -8.78 55.48 11.09
CA THR E 213 -9.40 55.83 12.36
C THR E 213 -10.30 57.04 12.15
N VAL E 214 -11.48 56.99 12.75
CA VAL E 214 -12.50 58.04 12.60
C VAL E 214 -12.87 58.56 13.97
N ASP E 215 -12.71 59.87 14.17
CA ASP E 215 -13.12 60.53 15.40
C ASP E 215 -14.31 61.42 15.12
N LYS E 216 -15.25 61.46 16.06
CA LYS E 216 -16.49 62.20 15.87
C LYS E 216 -17.05 62.61 17.22
N LYS E 217 -17.97 63.57 17.19
CA LYS E 217 -18.66 64.06 18.38
C LYS E 217 -20.09 63.55 18.40
N LEU E 218 -20.48 62.95 19.52
CA LEU E 218 -21.83 62.43 19.68
C LEU E 218 -22.83 63.57 19.89
#